data_4AX6
#
_entry.id   4AX6
#
_cell.length_a   49.540
_cell.length_b   52.960
_cell.length_c   66.540
_cell.angle_alpha   77.33
_cell.angle_beta   78.60
_cell.angle_gamma   75.66
#
_symmetry.space_group_name_H-M   'P 1'
#
loop_
_entity.id
_entity.type
_entity.pdbx_description
1 polymer 'EXOGLUCANASE 2'
2 branched beta-D-glucopyranose-(1-4)-beta-D-glucopyranose
3 non-polymer 2-acetamido-2-deoxy-beta-D-glucopyranose
4 non-polymer alpha-D-mannopyranose
5 non-polymer 6-chloranyl-7-oxidanyl-4-phenyl-chromen-2-one
6 water water
#
_entity_poly.entity_id   1
_entity_poly.type   'polypeptide(L)'
_entity_poly.pdbx_seq_one_letter_code
;TATYSGNPFVGVTPWANAYYASEVSSLAIPSLTGAMATAAAAVAKVPSFMWLDTLDKTPLMEQTLADIRTANKNGGNYAG
QFVVYDLPDRDCAALASNGEYSIADGGVAKYKNYIDTIRQIVVEYSDIRTLLVIEPASLANLVTNLGTPKCANAQSAYLE
CINYAVTQLNLPNVAMYLDAGHAGWLGWPANQDPAAQLFANVYKNASSPRALRGLATNVANYNGWNITSPPSYTQGNAVY
NEKLYIHAIGPLLANHGWSNAFFITDQGRSGKQPTGQQQWGDWCNVIGTGFGIRPSANTGDSLLDSFVWVKPGGECDGTS
DSSAPRFDSHCALPDALQPAPQAGAWFQAYFVQLLTNANPSFL
;
_entity_poly.pdbx_strand_id   A,B
#
loop_
_chem_comp.id
_chem_comp.type
_chem_comp.name
_chem_comp.formula
BGC D-saccharide, beta linking beta-D-glucopyranose 'C6 H12 O6'
MAN D-saccharide, alpha linking alpha-D-mannopyranose 'C6 H12 O6'
NAG D-saccharide, beta linking 2-acetamido-2-deoxy-beta-D-glucopyranose 'C8 H15 N O6'
UWU non-polymer 6-chloranyl-7-oxidanyl-4-phenyl-chromen-2-one 'C15 H9 Cl O3'
#
# COMPACT_ATOMS: atom_id res chain seq x y z
N THR A 1 4.83 -19.35 26.93
CA THR A 1 4.55 -19.52 25.48
C THR A 1 5.26 -18.46 24.63
N ALA A 2 5.81 -18.89 23.51
CA ALA A 2 6.59 -18.03 22.61
C ALA A 2 5.73 -17.03 21.83
N THR A 3 4.55 -17.47 21.40
CA THR A 3 3.62 -16.60 20.68
C THR A 3 3.04 -15.53 21.61
N TYR A 4 2.46 -14.48 21.03
CA TYR A 4 1.97 -13.34 21.81
C TYR A 4 0.84 -12.59 21.11
N SER A 5 0.16 -11.74 21.89
CA SER A 5 -0.83 -10.81 21.36
CA SER A 5 -0.83 -10.81 21.36
C SER A 5 -0.67 -9.47 22.07
N GLY A 6 -0.61 -8.40 21.28
CA GLY A 6 -0.39 -7.06 21.82
C GLY A 6 1.08 -6.79 22.08
N ASN A 7 1.39 -6.23 23.25
CA ASN A 7 2.76 -5.90 23.65
C ASN A 7 3.59 -7.18 23.84
N PRO A 8 4.62 -7.35 22.99
CA PRO A 8 5.47 -8.55 23.03
C PRO A 8 6.44 -8.58 24.22
N PHE A 9 6.52 -7.48 24.95
CA PHE A 9 7.39 -7.38 26.12
C PHE A 9 6.68 -7.83 27.38
N VAL A 10 5.36 -7.96 27.31
CA VAL A 10 4.55 -8.43 28.44
C VAL A 10 4.62 -9.96 28.54
N GLY A 11 5.03 -10.43 29.71
CA GLY A 11 5.08 -11.87 29.99
C GLY A 11 6.46 -12.48 29.81
N VAL A 12 7.43 -11.67 29.40
CA VAL A 12 8.82 -12.12 29.22
C VAL A 12 9.82 -11.19 29.87
N THR A 13 11.06 -11.62 29.94
CA THR A 13 12.16 -10.83 30.48
C THR A 13 13.28 -10.74 29.44
N PRO A 14 13.69 -9.50 29.08
CA PRO A 14 14.75 -9.31 28.09
C PRO A 14 16.07 -9.94 28.52
N TRP A 15 16.74 -10.60 27.58
CA TRP A 15 17.97 -11.34 27.86
C TRP A 15 19.21 -10.49 27.75
N ALA A 16 20.03 -10.53 28.80
CA ALA A 16 21.34 -9.90 28.78
C ALA A 16 22.35 -10.91 28.24
N ASN A 17 22.85 -10.63 27.03
CA ASN A 17 23.72 -11.58 26.31
C ASN A 17 25.15 -11.66 26.85
N ALA A 18 25.85 -12.74 26.50
CA ALA A 18 27.20 -12.99 26.97
C ALA A 18 28.27 -12.23 26.19
N TYR A 19 27.90 -11.72 25.02
CA TYR A 19 28.81 -10.97 24.15
C TYR A 19 29.18 -9.62 24.77
N TYR A 20 28.18 -8.89 25.24
CA TYR A 20 28.41 -7.62 25.94
C TYR A 20 29.03 -7.85 27.31
N ALA A 21 28.57 -8.90 28.00
CA ALA A 21 29.08 -9.27 29.31
C ALA A 21 30.57 -9.63 29.28
N SER A 22 30.99 -10.26 28.19
CA SER A 22 32.41 -10.56 27.97
C SER A 22 33.24 -9.30 27.73
N GLU A 23 32.69 -8.36 26.96
CA GLU A 23 33.35 -7.07 26.70
C GLU A 23 33.63 -6.31 27.99
N VAL A 24 32.61 -6.20 28.85
CA VAL A 24 32.72 -5.47 30.11
C VAL A 24 33.69 -6.16 31.07
N SER A 25 33.57 -7.48 31.18
CA SER A 25 34.37 -8.25 32.13
C SER A 25 35.84 -8.40 31.75
N SER A 26 36.12 -8.46 30.46
CA SER A 26 37.48 -8.73 29.98
C SER A 26 38.21 -7.52 29.40
N LEU A 27 37.47 -6.47 29.05
CA LEU A 27 38.08 -5.27 28.46
C LEU A 27 37.95 -4.03 29.35
N ALA A 28 36.94 -4.01 30.23
CA ALA A 28 36.70 -2.86 31.10
C ALA A 28 37.15 -3.08 32.55
N ILE A 29 36.66 -4.17 33.16
CA ILE A 29 36.88 -4.44 34.59
C ILE A 29 38.35 -4.64 35.02
N PRO A 30 39.18 -5.32 34.19
CA PRO A 30 40.60 -5.44 34.56
C PRO A 30 41.32 -4.10 34.66
N SER A 31 40.77 -3.07 34.02
CA SER A 31 41.33 -1.72 34.05
C SER A 31 40.77 -0.86 35.19
N LEU A 32 39.73 -1.36 35.86
CA LEU A 32 39.05 -0.63 36.93
C LEU A 32 39.24 -1.32 38.28
N THR A 33 39.27 -0.53 39.35
CA THR A 33 39.34 -1.06 40.71
C THR A 33 38.34 -0.37 41.64
N GLY A 34 38.05 -1.01 42.77
CA GLY A 34 37.22 -0.45 43.82
C GLY A 34 35.76 -0.35 43.45
N ALA A 35 35.13 0.75 43.87
CA ALA A 35 33.71 1.01 43.61
C ALA A 35 33.34 0.98 42.12
N MET A 36 34.27 1.42 41.27
CA MET A 36 34.06 1.44 39.83
C MET A 36 33.98 0.04 39.23
N ALA A 37 34.86 -0.86 39.68
CA ALA A 37 34.92 -2.23 39.19
C ALA A 37 33.65 -3.02 39.52
N THR A 38 33.05 -2.72 40.66
CA THR A 38 31.81 -3.37 41.08
C THR A 38 30.61 -2.79 40.33
N ALA A 39 30.62 -1.48 40.11
CA ALA A 39 29.58 -0.81 39.34
C ALA A 39 29.54 -1.32 37.89
N ALA A 40 30.71 -1.55 37.31
CA ALA A 40 30.84 -2.05 35.94
C ALA A 40 30.25 -3.46 35.77
N ALA A 41 30.47 -4.32 36.76
CA ALA A 41 29.94 -5.68 36.76
C ALA A 41 28.41 -5.72 36.76
N ALA A 42 27.80 -4.70 37.36
CA ALA A 42 26.35 -4.56 37.42
C ALA A 42 25.77 -4.15 36.07
N VAL A 43 26.54 -3.40 35.28
CA VAL A 43 26.10 -2.94 33.96
C VAL A 43 25.93 -4.11 32.99
N ALA A 44 26.80 -5.11 33.12
CA ALA A 44 26.76 -6.31 32.27
C ALA A 44 25.50 -7.15 32.48
N LYS A 45 24.76 -6.86 33.56
CA LYS A 45 23.52 -7.55 33.87
C LYS A 45 22.33 -6.91 33.16
N VAL A 46 22.48 -5.64 32.78
CA VAL A 46 21.41 -4.90 32.11
C VAL A 46 21.22 -5.41 30.68
N PRO A 47 19.99 -5.85 30.34
CA PRO A 47 19.72 -6.37 29.01
C PRO A 47 19.86 -5.30 27.91
N SER A 48 20.61 -5.64 26.87
CA SER A 48 20.75 -4.79 25.69
C SER A 48 20.65 -5.63 24.42
N PHE A 49 20.43 -4.96 23.29
CA PHE A 49 20.26 -5.64 22.00
C PHE A 49 21.59 -6.12 21.40
N MET A 50 21.56 -7.31 20.82
CA MET A 50 22.71 -7.85 20.09
C MET A 50 22.60 -7.47 18.62
N TRP A 51 23.67 -6.87 18.09
CA TRP A 51 23.67 -6.40 16.71
C TRP A 51 24.20 -7.43 15.76
N LEU A 52 23.42 -7.73 14.73
CA LEU A 52 23.83 -8.63 13.66
C LEU A 52 24.39 -7.81 12.50
N ASP A 53 25.53 -7.18 12.75
CA ASP A 53 26.16 -6.26 11.79
C ASP A 53 26.93 -6.97 10.67
N THR A 54 27.18 -8.26 10.83
CA THR A 54 27.76 -9.10 9.79
C THR A 54 27.04 -10.45 9.75
N LEU A 55 27.24 -11.19 8.66
CA LEU A 55 26.70 -12.55 8.56
C LEU A 55 27.43 -13.49 9.52
N ASP A 56 28.68 -13.16 9.84
CA ASP A 56 29.49 -13.92 10.79
C ASP A 56 28.96 -13.80 12.23
N LYS A 57 27.98 -12.93 12.43
CA LYS A 57 27.35 -12.75 13.74
C LYS A 57 26.14 -13.65 13.96
N THR A 58 25.61 -14.24 12.89
CA THR A 58 24.44 -15.12 12.98
C THR A 58 24.68 -16.44 13.74
N PRO A 59 25.91 -16.99 13.69
CA PRO A 59 26.18 -18.14 14.58
C PRO A 59 26.18 -17.73 16.05
N LEU A 60 26.53 -16.47 16.33
CA LEU A 60 26.50 -15.92 17.68
C LEU A 60 25.07 -15.62 18.13
N MET A 61 24.20 -15.30 17.19
CA MET A 61 22.76 -15.14 17.45
C MET A 61 22.20 -16.48 17.92
N GLU A 62 22.60 -17.54 17.22
CA GLU A 62 22.20 -18.90 17.53
C GLU A 62 22.74 -19.35 18.89
N GLN A 63 23.98 -18.96 19.20
CA GLN A 63 24.61 -19.24 20.49
C GLN A 63 23.87 -18.54 21.64
N THR A 64 23.45 -17.30 21.40
CA THR A 64 22.68 -16.53 22.38
C THR A 64 21.32 -17.16 22.63
N LEU A 65 20.65 -17.58 21.56
CA LEU A 65 19.37 -18.27 21.66
C LEU A 65 19.51 -19.67 22.29
N ALA A 66 20.69 -20.27 22.16
CA ALA A 66 21.00 -21.53 22.82
C ALA A 66 21.08 -21.33 24.33
N ASP A 67 21.59 -20.17 24.74
CA ASP A 67 21.67 -19.79 26.15
C ASP A 67 20.28 -19.50 26.74
N ILE A 68 19.39 -18.93 25.92
CA ILE A 68 18.04 -18.59 26.35
C ILE A 68 17.18 -19.85 26.56
N ARG A 69 17.29 -20.80 25.64
CA ARG A 69 16.59 -22.09 25.74
C ARG A 69 16.97 -22.83 27.03
N THR A 70 18.26 -22.83 27.35
CA THR A 70 18.78 -23.46 28.57
C THR A 70 18.25 -22.74 29.82
N ALA A 71 18.21 -21.41 29.76
CA ALA A 71 17.74 -20.60 30.89
C ALA A 71 16.24 -20.73 31.12
N ASN A 72 15.49 -20.85 30.02
CA ASN A 72 14.04 -20.98 30.09
C ASN A 72 13.56 -22.29 30.71
N LYS A 73 14.30 -23.37 30.48
CA LYS A 73 13.95 -24.68 31.03
C LYS A 73 14.50 -24.88 32.45
N ASN A 74 15.50 -24.09 32.82
CA ASN A 74 16.00 -24.06 34.20
C ASN A 74 15.04 -23.34 35.17
N GLY A 75 14.04 -22.67 34.61
CA GLY A 75 13.02 -21.98 35.40
C GLY A 75 12.64 -20.60 34.86
N GLY A 76 13.58 -19.95 34.19
CA GLY A 76 13.39 -18.59 33.68
C GLY A 76 12.40 -18.46 32.53
N ASN A 77 12.23 -17.21 32.08
CA ASN A 77 11.36 -16.89 30.95
C ASN A 77 11.93 -15.68 30.20
N TYR A 78 12.90 -15.93 29.34
CA TYR A 78 13.64 -14.87 28.68
C TYR A 78 13.33 -14.75 27.19
N ALA A 79 13.49 -13.53 26.67
CA ALA A 79 13.27 -13.25 25.25
C ALA A 79 14.54 -12.71 24.59
N GLY A 80 14.73 -13.06 23.31
CA GLY A 80 15.87 -12.59 22.54
C GLY A 80 15.69 -11.17 22.03
N GLN A 81 16.79 -10.43 21.99
CA GLN A 81 16.81 -9.06 21.48
C GLN A 81 17.97 -8.88 20.50
N PHE A 82 17.63 -8.70 19.22
CA PHE A 82 18.64 -8.58 18.16
C PHE A 82 18.36 -7.40 17.22
N VAL A 83 19.41 -6.93 16.56
CA VAL A 83 19.28 -5.87 15.56
C VAL A 83 19.66 -6.42 14.19
N VAL A 84 18.77 -6.23 13.21
CA VAL A 84 19.05 -6.55 11.82
C VAL A 84 19.71 -5.33 11.19
N TYR A 85 20.99 -5.45 10.84
CA TYR A 85 21.80 -4.31 10.39
C TYR A 85 22.95 -4.74 9.48
N ASP A 86 22.60 -5.08 8.24
CA ASP A 86 23.61 -5.48 7.24
C ASP A 86 23.14 -5.15 5.82
N LEU A 87 22.48 -4.00 5.70
CA LEU A 87 21.92 -3.53 4.44
C LEU A 87 23.02 -3.26 3.40
N PRO A 88 22.74 -3.53 2.11
CA PRO A 88 23.73 -3.17 1.08
C PRO A 88 23.85 -1.66 0.98
N ASP A 89 25.10 -1.17 0.84
CA ASP A 89 25.41 0.26 0.96
C ASP A 89 24.86 0.84 2.26
N ARG A 90 25.21 0.19 3.37
CA ARG A 90 24.81 0.55 4.72
C ARG A 90 25.33 1.94 5.08
N ASP A 91 24.61 2.63 5.97
CA ASP A 91 25.04 3.91 6.54
C ASP A 91 25.34 4.94 5.43
N CYS A 92 24.33 5.19 4.59
CA CYS A 92 24.53 5.95 3.36
C CYS A 92 24.80 7.45 3.54
N ALA A 93 24.43 8.01 4.69
CA ALA A 93 24.61 9.44 4.94
C ALA A 93 25.96 9.79 5.58
N ALA A 94 26.64 8.77 6.12
CA ALA A 94 27.91 8.96 6.80
C ALA A 94 28.99 8.06 6.21
N LEU A 95 30.18 8.06 6.83
CA LEU A 95 31.27 7.22 6.39
C LEU A 95 31.73 6.24 7.46
N ALA A 96 31.22 6.39 8.68
CA ALA A 96 31.70 5.63 9.83
C ALA A 96 31.31 4.15 9.89
N SER A 97 30.10 3.85 9.42
CA SER A 97 29.54 2.49 9.58
C SER A 97 29.18 1.79 8.27
N ASN A 98 30.01 1.99 7.24
CA ASN A 98 29.83 1.27 5.98
C ASN A 98 30.00 -0.24 6.21
N GLY A 99 29.11 -1.03 5.61
CA GLY A 99 29.07 -2.47 5.83
C GLY A 99 29.78 -3.30 4.78
N GLU A 100 29.59 -4.62 4.86
CA GLU A 100 30.29 -5.59 4.01
C GLU A 100 29.67 -5.75 2.62
N TYR A 101 28.39 -5.43 2.48
CA TYR A 101 27.69 -5.60 1.21
C TYR A 101 27.45 -4.28 0.49
N SER A 102 27.66 -4.31 -0.83
CA SER A 102 27.43 -3.14 -1.67
C SER A 102 26.53 -3.52 -2.85
N ILE A 103 25.65 -2.61 -3.22
CA ILE A 103 24.67 -2.83 -4.30
C ILE A 103 25.35 -3.18 -5.64
N ALA A 104 26.50 -2.57 -5.89
CA ALA A 104 27.28 -2.83 -7.11
C ALA A 104 27.90 -4.23 -7.14
N ASP A 105 28.13 -4.83 -5.98
CA ASP A 105 28.72 -6.17 -5.87
C ASP A 105 27.69 -7.20 -5.41
N GLY A 106 26.54 -7.22 -6.08
CA GLY A 106 25.45 -8.17 -5.79
C GLY A 106 24.92 -8.12 -4.36
N GLY A 107 24.84 -6.91 -3.81
CA GLY A 107 24.47 -6.70 -2.40
C GLY A 107 23.06 -7.08 -2.02
N VAL A 108 22.11 -6.78 -2.90
CA VAL A 108 20.68 -7.10 -2.67
C VAL A 108 20.48 -8.60 -2.51
N ALA A 109 21.08 -9.37 -3.42
CA ALA A 109 21.00 -10.84 -3.40
C ALA A 109 21.72 -11.43 -2.20
N LYS A 110 22.81 -10.78 -1.79
CA LYS A 110 23.55 -11.18 -0.59
C LYS A 110 22.81 -10.82 0.69
N TYR A 111 22.04 -9.73 0.66
CA TYR A 111 21.22 -9.33 1.81
C TYR A 111 20.07 -10.32 2.05
N LYS A 112 19.44 -10.77 0.96
CA LYS A 112 18.36 -11.75 1.03
C LYS A 112 18.82 -13.09 1.62
N ASN A 113 20.05 -13.50 1.28
CA ASN A 113 20.67 -14.69 1.85
C ASN A 113 20.92 -14.53 3.36
N TYR A 114 21.31 -13.32 3.74
CA TYR A 114 21.50 -12.92 5.13
C TYR A 114 20.18 -13.03 5.91
N ILE A 115 19.10 -12.57 5.29
CA ILE A 115 17.75 -12.65 5.87
C ILE A 115 17.27 -14.11 5.95
N ASP A 116 17.57 -14.89 4.93
CA ASP A 116 17.23 -16.32 4.90
C ASP A 116 17.91 -17.05 6.05
N THR A 117 19.18 -16.70 6.30
CA THR A 117 19.97 -17.26 7.39
C THR A 117 19.33 -16.96 8.74
N ILE A 118 18.90 -15.72 8.96
CA ILE A 118 18.24 -15.32 10.20
C ILE A 118 16.90 -16.07 10.38
N ARG A 119 16.10 -16.10 9.31
CA ARG A 119 14.81 -16.80 9.33
C ARG A 119 14.95 -18.25 9.82
N GLN A 120 15.95 -18.96 9.30
CA GLN A 120 16.19 -20.35 9.67
C GLN A 120 16.52 -20.53 11.15
N ILE A 121 17.27 -19.58 11.70
CA ILE A 121 17.60 -19.56 13.13
C ILE A 121 16.34 -19.27 13.97
N VAL A 122 15.46 -18.44 13.43
CA VAL A 122 14.20 -18.11 14.09
C VAL A 122 13.21 -19.28 14.05
N VAL A 123 13.24 -20.06 12.97
CA VAL A 123 12.44 -21.27 12.85
C VAL A 123 13.00 -22.36 13.79
N GLU A 124 14.33 -22.45 13.84
CA GLU A 124 15.04 -23.38 14.73
C GLU A 124 14.73 -23.10 16.20
N TYR A 125 14.51 -21.83 16.51
CA TYR A 125 14.20 -21.40 17.87
C TYR A 125 12.83 -20.73 17.97
N SER A 126 11.81 -21.39 17.43
CA SER A 126 10.44 -20.88 17.46
C SER A 126 9.83 -20.94 18.87
N ASP A 127 10.53 -21.62 19.78
CA ASP A 127 10.13 -21.72 21.18
C ASP A 127 10.53 -20.48 22.00
N ILE A 128 11.29 -19.57 21.37
CA ILE A 128 11.75 -18.36 22.04
C ILE A 128 11.20 -17.10 21.36
N ARG A 129 10.63 -16.20 22.16
CA ARG A 129 10.15 -14.92 21.66
C ARG A 129 11.33 -14.05 21.28
N THR A 130 11.30 -13.54 20.05
CA THR A 130 12.43 -12.80 19.48
C THR A 130 12.01 -11.39 19.11
N LEU A 131 12.72 -10.42 19.66
CA LEU A 131 12.41 -9.01 19.48
C LEU A 131 13.47 -8.36 18.61
N LEU A 132 13.04 -7.76 17.50
CA LEU A 132 13.96 -7.26 16.49
C LEU A 132 13.78 -5.79 16.13
N VAL A 133 14.91 -5.09 16.01
CA VAL A 133 14.96 -3.75 15.43
C VAL A 133 15.48 -3.87 14.01
N ILE A 134 14.73 -3.31 13.06
CA ILE A 134 15.04 -3.44 11.63
C ILE A 134 15.80 -2.24 11.06
N GLU A 135 17.06 -2.48 10.71
CA GLU A 135 17.92 -1.55 9.97
C GLU A 135 17.93 -0.08 10.44
N PRO A 136 18.71 0.22 11.50
CA PRO A 136 18.87 1.58 12.02
C PRO A 136 19.35 2.59 10.97
N ALA A 137 18.82 3.81 11.08
CA ALA A 137 19.18 4.96 10.23
C ALA A 137 18.70 4.89 8.77
N SER A 138 18.45 3.68 8.28
CA SER A 138 18.11 3.45 6.87
C SER A 138 16.92 4.28 6.36
N LEU A 139 15.74 4.09 6.94
CA LEU A 139 14.54 4.79 6.52
C LEU A 139 14.58 6.28 6.85
N ALA A 140 15.22 6.63 7.98
CA ALA A 140 15.40 8.02 8.37
C ALA A 140 16.29 8.78 7.38
N ASN A 141 17.28 8.08 6.82
CA ASN A 141 18.13 8.63 5.77
C ASN A 141 17.39 8.86 4.45
N LEU A 142 16.42 8.00 4.15
CA LEU A 142 15.62 8.15 2.94
C LEU A 142 14.66 9.35 3.00
N VAL A 143 14.33 9.80 4.20
CA VAL A 143 13.47 10.96 4.39
C VAL A 143 14.21 12.29 4.19
N THR A 144 15.33 12.46 4.88
CA THR A 144 16.03 13.74 4.91
C THR A 144 17.34 13.80 4.12
N ASN A 145 17.99 12.65 3.94
CA ASN A 145 19.34 12.60 3.36
C ASN A 145 19.46 12.13 1.90
N LEU A 146 18.46 12.43 1.08
CA LEU A 146 18.50 12.05 -0.34
C LEU A 146 19.46 12.93 -1.17
N GLY A 147 19.92 14.03 -0.57
CA GLY A 147 20.91 14.91 -1.19
C GLY A 147 22.29 14.29 -1.26
N THR A 148 22.51 13.27 -0.42
CA THR A 148 23.72 12.46 -0.48
C THR A 148 23.56 11.41 -1.58
N PRO A 149 24.52 11.35 -2.53
CA PRO A 149 24.47 10.42 -3.67
C PRO A 149 24.38 8.94 -3.30
N LYS A 150 24.99 8.57 -2.18
CA LYS A 150 24.96 7.19 -1.69
C LYS A 150 23.55 6.75 -1.28
N CYS A 151 22.82 7.65 -0.63
CA CYS A 151 21.43 7.38 -0.21
C CYS A 151 20.45 7.36 -1.38
N ALA A 152 20.63 8.30 -2.31
CA ALA A 152 19.78 8.41 -3.49
C ALA A 152 19.82 7.15 -4.36
N ASN A 153 21.03 6.64 -4.58
CA ASN A 153 21.24 5.42 -5.37
C ASN A 153 20.98 4.13 -4.58
N ALA A 154 20.64 4.27 -3.31
CA ALA A 154 20.35 3.12 -2.45
C ALA A 154 18.88 2.99 -2.09
N GLN A 155 18.07 3.95 -2.54
CA GLN A 155 16.65 4.02 -2.17
C GLN A 155 15.86 2.78 -2.60
N SER A 156 16.04 2.37 -3.85
CA SER A 156 15.33 1.21 -4.42
CA SER A 156 15.33 1.21 -4.41
C SER A 156 15.77 -0.10 -3.77
N ALA A 157 17.06 -0.18 -3.46
CA ALA A 157 17.62 -1.38 -2.82
C ALA A 157 17.18 -1.51 -1.36
N TYR A 158 17.24 -0.38 -0.63
CA TYR A 158 16.79 -0.32 0.75
C TYR A 158 15.35 -0.80 0.88
N LEU A 159 14.47 -0.25 0.04
CA LEU A 159 13.04 -0.54 0.12
C LEU A 159 12.69 -1.97 -0.27
N GLU A 160 13.42 -2.52 -1.23
CA GLU A 160 13.24 -3.92 -1.61
C GLU A 160 13.79 -4.84 -0.51
N CYS A 161 14.94 -4.48 0.05
CA CYS A 161 15.59 -5.26 1.11
C CYS A 161 14.81 -5.27 2.42
N ILE A 162 14.33 -4.10 2.84
CA ILE A 162 13.52 -3.97 4.05
C ILE A 162 12.21 -4.78 3.91
N ASN A 163 11.57 -4.68 2.76
CA ASN A 163 10.38 -5.48 2.45
C ASN A 163 10.64 -6.98 2.59
N TYR A 164 11.81 -7.42 2.10
CA TYR A 164 12.19 -8.83 2.19
C TYR A 164 12.43 -9.24 3.64
N ALA A 165 12.95 -8.31 4.44
CA ALA A 165 13.24 -8.57 5.85
C ALA A 165 11.97 -8.70 6.70
N VAL A 166 10.99 -7.83 6.47
CA VAL A 166 9.77 -7.82 7.28
C VAL A 166 8.77 -8.94 6.91
N THR A 167 8.84 -9.42 5.67
CA THR A 167 7.97 -10.51 5.22
C THR A 167 8.55 -11.88 5.55
N GLN A 168 9.87 -12.04 5.40
CA GLN A 168 10.54 -13.32 5.67
C GLN A 168 10.72 -13.59 7.16
N LEU A 169 10.72 -12.54 7.97
CA LEU A 169 10.82 -12.70 9.42
C LEU A 169 9.46 -12.54 10.11
N ASN A 170 8.39 -12.51 9.30
CA ASN A 170 7.02 -12.44 9.79
C ASN A 170 6.57 -13.80 10.35
N LEU A 171 7.07 -14.13 11.54
CA LEU A 171 6.80 -15.42 12.18
C LEU A 171 6.10 -15.23 13.54
N PRO A 172 5.43 -16.28 14.04
CA PRO A 172 4.57 -16.13 15.24
C PRO A 172 5.32 -15.84 16.55
N ASN A 173 6.63 -16.08 16.57
CA ASN A 173 7.44 -15.78 17.75
C ASN A 173 8.25 -14.49 17.63
N VAL A 174 8.05 -13.76 16.54
CA VAL A 174 8.83 -12.56 16.23
C VAL A 174 8.04 -11.28 16.46
N ALA A 175 8.73 -10.27 16.99
CA ALA A 175 8.19 -8.91 17.06
C ALA A 175 9.20 -7.96 16.45
N MET A 176 8.77 -7.24 15.41
CA MET A 176 9.65 -6.33 14.68
C MET A 176 9.35 -4.86 14.92
N TYR A 177 10.41 -4.07 15.00
CA TYR A 177 10.31 -2.62 15.09
C TYR A 177 11.22 -1.99 14.05
N LEU A 178 10.62 -1.29 13.08
CA LEU A 178 11.37 -0.53 12.09
C LEU A 178 12.00 0.68 12.76
N ASP A 179 13.28 0.92 12.50
CA ASP A 179 13.97 2.09 13.04
C ASP A 179 13.38 3.38 12.47
N ALA A 180 13.14 4.35 13.35
CA ALA A 180 12.44 5.57 12.98
C ALA A 180 13.15 6.84 13.44
N GLY A 181 14.47 6.77 13.57
CA GLY A 181 15.27 7.91 14.03
C GLY A 181 14.88 8.41 15.40
N HIS A 182 14.94 9.72 15.59
CA HIS A 182 14.66 10.33 16.89
C HIS A 182 14.09 11.71 16.75
N ALA A 183 13.77 12.33 17.89
CA ALA A 183 13.16 13.66 17.94
C ALA A 183 13.96 14.73 17.21
N GLY A 184 15.28 14.67 17.31
CA GLY A 184 16.18 15.61 16.63
C GLY A 184 16.34 15.35 15.14
N TRP A 185 15.79 14.22 14.68
CA TRP A 185 15.86 13.86 13.27
C TRP A 185 14.52 14.08 12.61
N LEU A 186 13.61 13.14 12.82
CA LEU A 186 12.30 13.16 12.16
C LEU A 186 11.22 13.82 13.02
N GLY A 187 11.59 14.21 14.24
CA GLY A 187 10.67 14.83 15.18
C GLY A 187 10.23 16.25 14.80
N TRP A 188 11.08 16.94 14.05
CA TRP A 188 10.77 18.27 13.54
C TRP A 188 9.50 18.24 12.74
N PRO A 189 8.58 19.20 13.00
CA PRO A 189 7.26 19.24 12.34
C PRO A 189 7.27 19.03 10.82
N ALA A 190 8.32 19.53 10.16
CA ALA A 190 8.45 19.41 8.70
C ALA A 190 8.76 17.99 8.22
N ASN A 191 9.37 17.19 9.10
CA ASN A 191 9.75 15.81 8.76
C ASN A 191 8.71 14.77 9.15
N GLN A 192 7.80 15.15 10.06
CA GLN A 192 6.84 14.22 10.68
C GLN A 192 5.95 13.46 9.69
N ASP A 193 5.26 14.19 8.82
CA ASP A 193 4.34 13.58 7.86
C ASP A 193 5.05 12.77 6.77
N PRO A 194 6.11 13.33 6.14
CA PRO A 194 6.86 12.53 5.16
C PRO A 194 7.44 11.25 5.76
N ALA A 195 7.88 11.30 7.02
CA ALA A 195 8.39 10.12 7.71
C ALA A 195 7.26 9.11 7.93
N ALA A 196 6.10 9.59 8.37
CA ALA A 196 4.93 8.75 8.60
C ALA A 196 4.47 8.05 7.34
N GLN A 197 4.47 8.78 6.23
CA GLN A 197 4.08 8.22 4.92
C GLN A 197 4.98 7.07 4.49
N LEU A 198 6.29 7.21 4.73
CA LEU A 198 7.26 6.20 4.34
C LEU A 198 7.12 4.92 5.16
N PHE A 199 7.00 5.06 6.48
CA PHE A 199 6.84 3.91 7.38
C PHE A 199 5.56 3.15 7.08
N ALA A 200 4.46 3.89 6.88
CA ALA A 200 3.18 3.31 6.54
C ALA A 200 3.21 2.59 5.21
N ASN A 201 3.93 3.15 4.24
CA ASN A 201 4.09 2.54 2.93
C ASN A 201 4.86 1.22 2.99
N VAL A 202 5.93 1.19 3.80
CA VAL A 202 6.68 -0.05 4.04
C VAL A 202 5.76 -1.12 4.65
N TYR A 203 4.93 -0.68 5.59
CA TYR A 203 3.95 -1.55 6.26
C TYR A 203 2.89 -2.09 5.29
N LYS A 204 2.26 -1.19 4.52
CA LYS A 204 1.21 -1.54 3.58
C LYS A 204 1.72 -2.37 2.41
N ASN A 205 2.93 -2.05 1.93
CA ASN A 205 3.54 -2.72 0.79
C ASN A 205 3.94 -4.16 1.12
N ALA A 206 4.09 -4.44 2.40
CA ALA A 206 4.43 -5.77 2.89
C ALA A 206 3.21 -6.55 3.38
N SER A 207 2.03 -6.14 2.92
CA SER A 207 0.73 -6.74 3.29
C SER A 207 0.47 -6.74 4.80
N SER A 208 0.76 -5.62 5.44
CA SER A 208 0.50 -5.42 6.88
C SER A 208 0.97 -6.58 7.77
N PRO A 209 2.29 -6.86 7.80
CA PRO A 209 2.79 -8.02 8.55
C PRO A 209 2.40 -7.95 10.02
N ARG A 210 1.78 -9.01 10.52
CA ARG A 210 1.26 -9.02 11.89
C ARG A 210 2.35 -9.06 12.96
N ALA A 211 3.55 -9.49 12.57
CA ALA A 211 4.71 -9.47 13.48
C ALA A 211 5.36 -8.08 13.57
N LEU A 212 5.05 -7.22 12.60
CA LEU A 212 5.58 -5.85 12.58
C LEU A 212 4.79 -4.97 13.55
N ARG A 213 5.32 -4.87 14.78
CA ARG A 213 4.64 -4.21 15.88
C ARG A 213 4.63 -2.67 15.78
N GLY A 214 5.74 -2.10 15.30
CA GLY A 214 5.81 -0.65 15.13
C GLY A 214 7.18 -0.07 14.86
N LEU A 215 7.54 0.96 15.62
CA LEU A 215 8.75 1.71 15.39
C LEU A 215 9.68 1.76 16.61
N ALA A 216 10.99 1.78 16.33
CA ALA A 216 12.01 1.98 17.35
C ALA A 216 12.59 3.38 17.20
N THR A 217 12.72 4.10 18.32
CA THR A 217 13.24 5.48 18.29
C THR A 217 14.51 5.64 19.14
N ASN A 218 15.27 6.69 18.84
CA ASN A 218 16.47 7.06 19.59
C ASN A 218 17.59 6.00 19.62
N VAL A 219 17.52 5.05 18.69
CA VAL A 219 18.51 3.97 18.59
C VAL A 219 19.91 4.55 18.33
N ALA A 220 20.84 4.22 19.23
CA ALA A 220 22.21 4.73 19.21
C ALA A 220 22.32 6.25 19.33
N ASN A 221 21.28 6.89 19.87
CA ASN A 221 21.30 8.33 20.10
C ASN A 221 21.23 8.66 21.60
N TYR A 222 20.95 9.93 21.93
CA TYR A 222 21.17 10.43 23.29
C TYR A 222 20.00 11.23 23.88
N ASN A 223 18.93 11.40 23.10
CA ASN A 223 17.77 12.19 23.53
C ASN A 223 17.10 11.65 24.80
N GLY A 224 16.64 12.57 25.64
CA GLY A 224 15.89 12.20 26.84
C GLY A 224 14.51 11.70 26.49
N TRP A 225 13.97 10.81 27.33
CA TRP A 225 12.62 10.28 27.11
C TRP A 225 11.56 11.30 27.38
N ASN A 226 11.56 11.86 28.59
CA ASN A 226 10.47 12.75 29.02
C ASN A 226 10.92 14.02 29.74
N ILE A 227 12.15 14.47 29.47
CA ILE A 227 12.69 15.67 30.13
C ILE A 227 11.80 16.91 29.94
N THR A 228 11.58 17.63 31.03
CA THR A 228 10.63 18.74 31.06
C THR A 228 11.16 20.02 30.41
N SER A 229 12.46 20.27 30.55
CA SER A 229 13.08 21.46 29.97
C SER A 229 13.77 21.16 28.65
N PRO A 230 13.58 22.01 27.63
CA PRO A 230 14.28 21.83 26.36
C PRO A 230 15.76 22.22 26.47
N PRO A 231 16.67 21.30 26.10
CA PRO A 231 18.10 21.62 26.04
C PRO A 231 18.39 22.72 25.01
N SER A 232 19.45 23.48 25.24
CA SER A 232 19.81 24.62 24.38
C SER A 232 19.91 24.23 22.90
N TYR A 233 20.48 23.06 22.63
CA TYR A 233 20.71 22.59 21.27
C TYR A 233 19.47 22.11 20.53
N THR A 234 18.32 22.07 21.23
CA THR A 234 17.06 21.67 20.60
C THR A 234 16.29 22.88 20.07
N GLN A 235 16.91 24.05 20.15
CA GLN A 235 16.29 25.33 19.82
C GLN A 235 15.63 25.34 18.45
N GLY A 236 14.32 25.61 18.44
CA GLY A 236 13.54 25.65 17.21
C GLY A 236 12.56 24.51 17.07
N ASN A 237 12.82 23.43 17.80
CA ASN A 237 11.99 22.23 17.74
C ASN A 237 11.12 22.04 18.98
N ALA A 238 9.81 22.07 18.79
CA ALA A 238 8.85 21.82 19.86
C ALA A 238 8.88 20.37 20.33
N VAL A 239 9.34 19.48 19.45
CA VAL A 239 9.55 18.08 19.78
C VAL A 239 11.01 17.88 20.21
N TYR A 240 11.25 18.02 21.51
CA TYR A 240 12.62 18.03 22.05
C TYR A 240 12.95 16.80 22.90
N ASN A 241 11.97 15.92 23.11
CA ASN A 241 12.20 14.62 23.75
C ASN A 241 11.51 13.49 22.98
N GLU A 242 11.79 12.25 23.38
CA GLU A 242 11.29 11.07 22.66
C GLU A 242 9.79 10.82 22.84
N LYS A 243 9.27 11.13 24.02
CA LYS A 243 7.83 11.03 24.30
C LYS A 243 7.01 11.91 23.37
N LEU A 244 7.46 13.15 23.16
CA LEU A 244 6.80 14.08 22.25
C LEU A 244 6.81 13.57 20.81
N TYR A 245 7.91 12.94 20.41
CA TYR A 245 8.05 12.40 19.05
C TYR A 245 7.04 11.30 18.74
N ILE A 246 6.95 10.29 19.62
CA ILE A 246 6.09 9.14 19.36
C ILE A 246 4.60 9.48 19.39
N HIS A 247 4.23 10.46 20.21
CA HIS A 247 2.83 10.92 20.31
C HIS A 247 2.44 11.83 19.18
N ALA A 248 3.43 12.34 18.45
CA ALA A 248 3.19 13.16 17.27
C ALA A 248 3.10 12.31 16.00
N ILE A 249 4.07 11.41 15.80
CA ILE A 249 4.11 10.56 14.60
C ILE A 249 3.07 9.43 14.64
N GLY A 250 2.66 9.03 15.84
CA GLY A 250 1.70 7.95 16.05
C GLY A 250 0.38 8.08 15.28
N PRO A 251 -0.44 9.09 15.62
CA PRO A 251 -1.68 9.36 14.87
C PRO A 251 -1.46 9.60 13.37
N LEU A 252 -0.27 10.08 13.01
CA LEU A 252 0.06 10.31 11.60
C LEU A 252 0.28 9.00 10.84
N LEU A 253 0.73 7.97 11.55
CA LEU A 253 0.85 6.62 10.98
C LEU A 253 -0.53 6.03 10.70
N ALA A 254 -1.47 6.26 11.61
CA ALA A 254 -2.86 5.83 11.44
C ALA A 254 -3.51 6.51 10.26
N ASN A 255 -3.25 7.82 10.10
CA ASN A 255 -3.72 8.61 8.96
C ASN A 255 -3.36 7.98 7.61
N HIS A 256 -2.18 7.35 7.57
CA HIS A 256 -1.65 6.80 6.34
C HIS A 256 -1.74 5.30 6.23
N GLY A 257 -2.64 4.72 7.03
CA GLY A 257 -2.97 3.29 6.91
C GLY A 257 -2.35 2.33 7.92
N TRP A 258 -1.46 2.84 8.77
CA TRP A 258 -0.83 2.01 9.80
C TRP A 258 -1.42 2.30 11.15
N SER A 259 -2.56 1.65 11.44
CA SER A 259 -3.16 1.72 12.77
C SER A 259 -2.48 0.71 13.70
N ASN A 260 -2.66 0.89 15.01
CA ASN A 260 -2.10 0.02 16.04
C ASN A 260 -0.56 -0.11 16.02
N ALA A 261 0.11 0.98 15.69
CA ALA A 261 1.58 1.02 15.70
C ALA A 261 2.07 1.50 17.05
N PHE A 262 3.00 0.75 17.63
CA PHE A 262 3.54 1.04 18.97
C PHE A 262 5.06 1.23 18.92
N PHE A 263 5.64 1.67 20.04
CA PHE A 263 7.02 2.15 20.04
C PHE A 263 7.92 1.54 21.12
N ILE A 264 9.20 1.40 20.81
CA ILE A 264 10.24 1.21 21.82
C ILE A 264 11.23 2.37 21.69
N THR A 265 11.91 2.69 22.78
CA THR A 265 12.86 3.79 22.78
C THR A 265 14.15 3.44 23.52
N ASP A 266 15.27 3.68 22.84
CA ASP A 266 16.59 3.49 23.41
C ASP A 266 16.91 4.59 24.42
N GLN A 267 17.36 4.20 25.61
CA GLN A 267 17.73 5.14 26.66
C GLN A 267 19.07 4.79 27.31
N GLY A 268 19.86 3.96 26.64
CA GLY A 268 21.13 3.48 27.17
C GLY A 268 22.27 4.48 27.22
N ARG A 269 22.07 5.63 26.58
CA ARG A 269 23.05 6.72 26.59
C ARG A 269 22.38 8.07 26.82
N SER A 270 21.26 8.06 27.52
CA SER A 270 20.44 9.25 27.71
C SER A 270 20.34 9.68 29.17
N GLY A 271 21.21 9.13 30.02
CA GLY A 271 21.18 9.40 31.46
C GLY A 271 21.41 10.84 31.87
N LYS A 272 22.42 11.47 31.27
CA LYS A 272 22.75 12.85 31.60
C LYS A 272 22.10 13.84 30.63
N GLN A 273 21.24 14.70 31.17
CA GLN A 273 20.52 15.69 30.40
C GLN A 273 20.69 17.09 31.02
N PRO A 274 21.01 18.10 30.19
CA PRO A 274 21.31 17.96 28.75
C PRO A 274 22.67 17.29 28.51
N THR A 275 22.87 16.79 27.29
CA THR A 275 24.14 16.14 26.92
C THR A 275 25.25 17.17 26.70
N GLY A 276 26.42 16.69 26.31
CA GLY A 276 27.54 17.57 25.95
C GLY A 276 27.51 18.02 24.51
N GLN A 277 26.39 17.80 23.83
CA GLN A 277 26.23 18.18 22.43
C GLN A 277 26.25 19.69 22.24
N GLN A 278 27.13 20.15 21.35
CA GLN A 278 27.21 21.57 21.00
C GLN A 278 26.29 21.86 19.82
N GLN A 279 26.06 20.85 18.99
CA GLN A 279 25.01 20.87 17.98
C GLN A 279 24.21 19.58 18.09
N TRP A 280 22.91 19.67 17.84
CA TRP A 280 22.00 18.53 18.02
C TRP A 280 22.25 17.43 17.03
N GLY A 281 22.82 17.77 15.88
CA GLY A 281 23.12 16.81 14.82
C GLY A 281 24.38 15.98 15.06
N ASP A 282 25.17 16.37 16.06
CA ASP A 282 26.39 15.66 16.41
C ASP A 282 26.05 14.32 17.07
N TRP A 283 26.50 13.23 16.46
CA TRP A 283 26.09 11.88 16.86
C TRP A 283 27.22 10.98 17.29
N CYS A 284 28.44 11.31 16.88
CA CYS A 284 29.59 10.41 17.10
C CYS A 284 30.24 10.58 18.46
N ASN A 285 30.26 9.50 19.24
CA ASN A 285 30.91 9.45 20.56
C ASN A 285 30.72 10.72 21.40
N VAL A 286 29.46 11.12 21.58
CA VAL A 286 29.10 12.37 22.25
C VAL A 286 29.54 12.41 23.72
N ILE A 287 30.29 13.46 24.08
CA ILE A 287 30.75 13.66 25.46
C ILE A 287 29.60 14.09 26.38
N GLY A 288 29.80 13.94 27.69
CA GLY A 288 28.81 14.35 28.69
C GLY A 288 27.53 13.53 28.71
N THR A 289 27.66 12.21 28.50
CA THR A 289 26.53 11.30 28.52
C THR A 289 26.71 10.18 29.54
N GLY A 290 25.60 9.58 29.97
CA GLY A 290 25.62 8.46 30.90
C GLY A 290 24.54 7.44 30.61
N PHE A 291 24.63 6.27 31.25
CA PHE A 291 23.58 5.26 31.19
C PHE A 291 22.27 5.84 31.72
N GLY A 292 21.16 5.51 31.08
CA GLY A 292 19.86 6.08 31.43
C GLY A 292 18.83 5.12 31.97
N ILE A 293 17.56 5.45 31.74
CA ILE A 293 16.42 4.64 32.17
C ILE A 293 16.63 3.17 31.81
N ARG A 294 16.59 2.31 32.82
CA ARG A 294 16.76 0.87 32.64
C ARG A 294 15.60 0.29 31.82
N PRO A 295 15.88 -0.77 31.02
CA PRO A 295 14.83 -1.43 30.24
C PRO A 295 13.66 -1.88 31.09
N SER A 296 12.44 -1.52 30.68
CA SER A 296 11.22 -1.87 31.40
C SER A 296 10.00 -1.76 30.51
N ALA A 297 9.12 -2.76 30.59
CA ALA A 297 7.85 -2.76 29.86
C ALA A 297 6.79 -1.92 30.57
N ASN A 298 7.05 -1.57 31.83
CA ASN A 298 6.18 -0.66 32.57
C ASN A 298 6.58 0.79 32.31
N THR A 299 5.95 1.38 31.30
CA THR A 299 6.37 2.69 30.79
C THR A 299 5.49 3.85 31.26
N GLY A 300 4.25 3.54 31.61
CA GLY A 300 3.28 4.57 31.98
C GLY A 300 2.89 5.43 30.79
N ASP A 301 3.03 4.86 29.59
CA ASP A 301 2.76 5.56 28.34
C ASP A 301 1.84 4.72 27.46
N SER A 302 0.92 5.38 26.77
CA SER A 302 -0.06 4.71 25.92
C SER A 302 0.55 4.07 24.67
N LEU A 303 1.66 4.61 24.20
CA LEU A 303 2.27 4.17 22.94
C LEU A 303 3.60 3.43 23.09
N LEU A 304 4.27 3.60 24.23
CA LEU A 304 5.56 2.97 24.45
C LEU A 304 5.43 1.56 25.04
N ASP A 305 5.85 0.57 24.25
CA ASP A 305 5.86 -0.83 24.68
C ASP A 305 6.91 -1.10 25.75
N SER A 306 8.07 -0.43 25.63
CA SER A 306 9.20 -0.66 26.53
C SER A 306 10.31 0.37 26.38
N PHE A 307 10.99 0.65 27.50
CA PHE A 307 12.30 1.29 27.46
C PHE A 307 13.29 0.21 27.09
N VAL A 308 14.20 0.50 26.17
CA VAL A 308 15.20 -0.48 25.74
C VAL A 308 16.63 0.09 25.70
N TRP A 309 17.60 -0.81 25.63
CA TRP A 309 19.00 -0.48 25.42
C TRP A 309 19.45 -1.12 24.16
N VAL A 310 19.35 -0.41 23.04
CA VAL A 310 19.68 -0.99 21.74
C VAL A 310 21.19 -0.92 21.48
N LYS A 311 21.74 0.28 21.51
CA LYS A 311 23.17 0.51 21.36
C LYS A 311 23.89 0.14 22.66
N PRO A 312 24.81 -0.85 22.60
CA PRO A 312 25.55 -1.24 23.81
C PRO A 312 26.60 -0.21 24.20
N GLY A 313 26.36 0.48 25.32
CA GLY A 313 27.24 1.52 25.82
C GLY A 313 28.66 1.04 26.08
N GLY A 314 29.61 1.62 25.36
CA GLY A 314 31.00 1.18 25.39
C GLY A 314 31.53 0.89 24.00
N GLU A 315 30.63 0.44 23.12
CA GLU A 315 30.98 0.18 21.73
C GLU A 315 30.99 1.48 20.94
N CYS A 316 32.07 1.70 20.19
CA CYS A 316 32.33 2.98 19.53
C CYS A 316 31.35 3.29 18.40
N ASP A 317 31.19 4.58 18.11
CA ASP A 317 30.32 5.05 17.03
C ASP A 317 31.08 5.31 15.74
N GLY A 318 32.39 5.45 15.84
CA GLY A 318 33.24 5.74 14.68
C GLY A 318 34.62 6.24 15.09
N THR A 319 35.61 5.97 14.25
CA THR A 319 37.00 6.35 14.53
C THR A 319 37.28 7.85 14.35
N SER A 320 38.10 8.40 15.23
CA SER A 320 38.51 9.80 15.18
C SER A 320 39.85 9.96 14.45
N ASP A 321 40.46 8.84 14.10
CA ASP A 321 41.74 8.82 13.39
C ASP A 321 41.53 9.10 11.90
N SER A 322 42.02 10.25 11.45
CA SER A 322 41.83 10.69 10.06
C SER A 322 42.68 9.90 9.06
N SER A 323 43.65 9.15 9.57
CA SER A 323 44.50 8.31 8.74
C SER A 323 44.01 6.86 8.71
N ALA A 324 42.81 6.64 9.27
CA ALA A 324 42.21 5.30 9.34
C ALA A 324 41.05 5.16 8.37
N PRO A 325 40.68 3.91 8.02
CA PRO A 325 39.53 3.71 7.13
C PRO A 325 38.20 4.08 7.79
N ARG A 326 37.22 4.45 6.97
CA ARG A 326 35.87 4.82 7.43
C ARG A 326 35.82 6.05 8.36
N PHE A 327 36.82 6.92 8.26
CA PHE A 327 36.87 8.12 9.10
C PHE A 327 35.80 9.14 8.71
N ASP A 328 35.04 9.57 9.70
CA ASP A 328 34.01 10.59 9.51
C ASP A 328 34.40 11.83 10.31
N SER A 329 34.18 13.01 9.70
CA SER A 329 34.51 14.29 10.32
C SER A 329 33.69 14.56 11.59
N HIS A 330 32.52 13.95 11.69
CA HIS A 330 31.67 14.05 12.88
C HIS A 330 32.33 13.50 14.11
N CYS A 331 33.26 12.55 13.93
CA CYS A 331 33.95 11.91 15.04
C CYS A 331 35.20 12.68 15.51
N ALA A 332 35.52 13.78 14.81
CA ALA A 332 36.66 14.62 15.18
C ALA A 332 36.23 15.95 15.80
N LEU A 333 34.91 16.11 15.99
CA LEU A 333 34.33 17.34 16.53
C LEU A 333 34.66 17.56 18.01
N PRO A 334 34.58 18.82 18.49
CA PRO A 334 34.84 19.18 19.89
C PRO A 334 34.03 18.37 20.92
N ASP A 335 32.79 18.02 20.58
CA ASP A 335 31.94 17.24 21.48
C ASP A 335 32.00 15.72 21.23
N ALA A 336 33.01 15.29 20.49
CA ALA A 336 33.24 13.88 20.24
C ALA A 336 34.47 13.42 21.02
N LEU A 337 34.31 12.36 21.82
CA LEU A 337 35.39 11.88 22.69
C LEU A 337 36.52 11.26 21.88
N GLN A 338 37.75 11.67 22.21
CA GLN A 338 38.93 11.23 21.48
C GLN A 338 40.03 10.76 22.44
N PRO A 339 40.90 9.83 21.98
CA PRO A 339 40.88 9.18 20.66
C PRO A 339 39.91 7.99 20.60
N ALA A 340 39.22 7.86 19.47
CA ALA A 340 38.16 6.88 19.29
C ALA A 340 38.55 5.77 18.31
N PRO A 341 38.29 4.49 18.67
CA PRO A 341 38.54 3.36 17.79
C PRO A 341 37.47 3.21 16.71
N GLN A 342 37.52 2.10 15.98
CA GLN A 342 36.57 1.82 14.90
C GLN A 342 35.15 1.63 15.44
N ALA A 343 34.15 2.02 14.63
CA ALA A 343 32.75 1.83 14.97
C ALA A 343 32.47 0.36 15.31
N GLY A 344 31.87 0.14 16.48
CA GLY A 344 31.56 -1.21 16.95
C GLY A 344 32.57 -1.75 17.94
N ALA A 345 33.83 -1.35 17.79
CA ALA A 345 34.91 -1.79 18.69
C ALA A 345 34.81 -1.12 20.06
N TRP A 346 35.46 -1.72 21.05
CA TRP A 346 35.37 -1.24 22.44
C TRP A 346 36.08 0.07 22.64
N PHE A 347 35.38 1.00 23.28
CA PHE A 347 35.90 2.32 23.60
C PHE A 347 35.93 2.44 25.12
N GLN A 348 37.10 2.17 25.70
CA GLN A 348 37.25 2.10 27.17
C GLN A 348 36.87 3.40 27.86
N ALA A 349 37.43 4.51 27.40
CA ALA A 349 37.18 5.83 27.98
C ALA A 349 35.69 6.20 27.98
N TYR A 350 34.99 5.82 26.90
CA TYR A 350 33.57 6.13 26.75
C TYR A 350 32.69 5.34 27.72
N PHE A 351 33.06 4.09 27.95
CA PHE A 351 32.38 3.25 28.94
C PHE A 351 32.49 3.85 30.33
N VAL A 352 33.70 4.28 30.70
CA VAL A 352 33.97 4.92 31.99
C VAL A 352 33.17 6.21 32.16
N GLN A 353 33.05 6.98 31.07
CA GLN A 353 32.25 8.20 31.03
C GLN A 353 30.77 7.90 31.28
N LEU A 354 30.26 6.88 30.61
CA LEU A 354 28.86 6.46 30.74
C LEU A 354 28.53 5.96 32.15
N LEU A 355 29.48 5.25 32.76
CA LEU A 355 29.30 4.70 34.10
C LEU A 355 29.32 5.80 35.17
N THR A 356 30.26 6.74 35.03
CA THR A 356 30.37 7.86 35.98
C THR A 356 29.14 8.76 35.93
N ASN A 357 28.59 8.96 34.74
CA ASN A 357 27.43 9.84 34.54
C ASN A 357 26.08 9.11 34.54
N ALA A 358 26.09 7.84 34.94
CA ALA A 358 24.89 7.01 34.93
C ALA A 358 23.76 7.56 35.80
N ASN A 359 22.54 7.54 35.26
CA ASN A 359 21.35 7.98 35.98
C ASN A 359 20.12 7.25 35.44
N PRO A 360 19.60 6.26 36.20
CA PRO A 360 19.98 5.81 37.55
C PRO A 360 21.44 5.38 37.67
N SER A 361 22.06 5.76 38.79
CA SER A 361 23.46 5.43 39.05
C SER A 361 23.66 3.94 39.36
N PHE A 362 24.79 3.41 38.90
CA PHE A 362 25.22 2.06 39.29
C PHE A 362 26.08 2.15 40.55
N LEU A 363 26.81 3.26 40.69
CA LEU A 363 27.60 3.54 41.88
C LEU A 363 26.71 3.91 43.06
N THR B 1 -12.47 24.20 -22.83
CA THR B 1 -11.16 23.76 -22.29
C THR B 1 -11.17 22.28 -21.88
N ALA B 2 -10.00 21.70 -21.68
CA ALA B 2 -9.87 20.30 -21.29
C ALA B 2 -10.15 20.09 -19.80
N THR B 3 -9.61 20.97 -18.97
CA THR B 3 -9.84 20.92 -17.52
C THR B 3 -11.29 21.26 -17.18
N TYR B 4 -11.77 20.73 -16.06
CA TYR B 4 -13.18 20.88 -15.68
C TYR B 4 -13.35 21.18 -14.19
N SER B 5 -14.55 21.61 -13.83
CA SER B 5 -14.99 21.71 -12.44
C SER B 5 -16.43 21.22 -12.36
N GLY B 6 -16.72 20.38 -11.37
CA GLY B 6 -18.04 19.77 -11.24
C GLY B 6 -18.22 18.62 -12.22
N ASN B 7 -19.39 18.58 -12.85
CA ASN B 7 -19.74 17.54 -13.82
C ASN B 7 -18.86 17.59 -15.07
N PRO B 8 -18.03 16.54 -15.30
CA PRO B 8 -17.14 16.51 -16.45
C PRO B 8 -17.85 16.22 -17.77
N PHE B 9 -19.16 16.02 -17.73
CA PHE B 9 -19.96 15.78 -18.94
C PHE B 9 -20.56 17.08 -19.49
N VAL B 10 -20.47 18.15 -18.71
CA VAL B 10 -20.97 19.45 -19.13
C VAL B 10 -19.89 20.18 -19.91
N GLY B 11 -20.27 20.70 -21.08
CA GLY B 11 -19.34 21.43 -21.95
C GLY B 11 -18.85 20.60 -23.12
N VAL B 12 -18.70 19.30 -22.90
CA VAL B 12 -18.19 18.38 -23.92
C VAL B 12 -19.29 17.45 -24.45
N THR B 13 -19.04 16.86 -25.62
CA THR B 13 -19.92 15.85 -26.20
C THR B 13 -19.17 14.52 -26.31
N PRO B 14 -19.76 13.42 -25.79
CA PRO B 14 -19.11 12.11 -25.87
C PRO B 14 -18.91 11.64 -27.32
N TRP B 15 -17.72 11.12 -27.59
CA TRP B 15 -17.33 10.70 -28.94
C TRP B 15 -17.74 9.29 -29.22
N ALA B 16 -18.40 9.09 -30.37
CA ALA B 16 -18.72 7.76 -30.85
C ALA B 16 -17.51 7.21 -31.62
N ASN B 17 -16.93 6.13 -31.10
CA ASN B 17 -15.70 5.57 -31.67
C ASN B 17 -15.91 4.75 -32.95
N ALA B 18 -14.84 4.59 -33.72
CA ALA B 18 -14.87 3.88 -35.00
C ALA B 18 -14.88 2.35 -34.83
N TYR B 19 -14.34 1.88 -33.70
CA TYR B 19 -14.25 0.45 -33.41
C TYR B 19 -15.63 -0.22 -33.36
N TYR B 20 -16.57 0.40 -32.64
CA TYR B 20 -17.94 -0.11 -32.56
C TYR B 20 -18.70 0.08 -33.87
N ALA B 21 -18.46 1.21 -34.53
CA ALA B 21 -19.06 1.51 -35.83
C ALA B 21 -18.59 0.51 -36.90
N SER B 22 -17.33 0.07 -36.78
CA SER B 22 -16.78 -0.97 -37.65
C SER B 22 -17.51 -2.30 -37.48
N GLU B 23 -17.91 -2.60 -36.24
CA GLU B 23 -18.62 -3.85 -35.93
C GLU B 23 -20.05 -3.85 -36.48
N VAL B 24 -20.72 -2.71 -36.38
CA VAL B 24 -22.11 -2.59 -36.84
C VAL B 24 -22.18 -2.55 -38.37
N SER B 25 -21.28 -1.79 -38.98
CA SER B 25 -21.31 -1.57 -40.43
C SER B 25 -20.76 -2.73 -41.26
N SER B 26 -19.93 -3.56 -40.66
CA SER B 26 -19.29 -4.66 -41.39
C SER B 26 -19.83 -6.05 -41.02
N LEU B 27 -20.33 -6.19 -39.79
CA LEU B 27 -20.76 -7.49 -39.29
C LEU B 27 -22.28 -7.60 -39.10
N ALA B 28 -22.95 -6.46 -38.98
CA ALA B 28 -24.40 -6.45 -38.72
C ALA B 28 -25.23 -6.02 -39.94
N ILE B 29 -24.91 -4.86 -40.52
CA ILE B 29 -25.68 -4.32 -41.65
C ILE B 29 -25.69 -5.22 -42.89
N PRO B 30 -24.51 -5.74 -43.32
CA PRO B 30 -24.49 -6.61 -44.52
C PRO B 30 -25.31 -7.89 -44.37
N SER B 31 -25.81 -8.15 -43.16
CA SER B 31 -26.68 -9.30 -42.91
C SER B 31 -28.16 -8.92 -42.80
N LEU B 32 -28.43 -7.62 -42.76
CA LEU B 32 -29.79 -7.09 -42.63
C LEU B 32 -30.26 -6.41 -43.92
N THR B 33 -31.58 -6.32 -44.09
CA THR B 33 -32.19 -5.63 -45.23
C THR B 33 -33.32 -4.70 -44.77
N GLY B 34 -33.54 -3.63 -45.53
CA GLY B 34 -34.68 -2.73 -45.33
C GLY B 34 -34.66 -1.91 -44.05
N ALA B 35 -35.80 -1.88 -43.37
CA ALA B 35 -35.99 -1.07 -42.16
C ALA B 35 -35.05 -1.44 -41.01
N MET B 36 -34.70 -2.72 -40.92
CA MET B 36 -33.76 -3.22 -39.90
C MET B 36 -32.34 -2.76 -40.19
N ALA B 37 -31.95 -2.77 -41.46
CA ALA B 37 -30.61 -2.36 -41.88
C ALA B 37 -30.39 -0.86 -41.72
N THR B 38 -31.46 -0.08 -41.90
CA THR B 38 -31.39 1.37 -41.76
C THR B 38 -31.30 1.80 -40.30
N ALA B 39 -32.08 1.14 -39.44
CA ALA B 39 -32.06 1.41 -38.00
C ALA B 39 -30.72 1.03 -37.35
N ALA B 40 -30.07 0.01 -37.90
CA ALA B 40 -28.77 -0.46 -37.40
C ALA B 40 -27.67 0.58 -37.61
N ALA B 41 -27.74 1.29 -38.74
CA ALA B 41 -26.75 2.32 -39.07
C ALA B 41 -26.80 3.51 -38.12
N ALA B 42 -27.97 3.75 -37.54
CA ALA B 42 -28.17 4.82 -36.56
C ALA B 42 -27.56 4.49 -35.20
N VAL B 43 -27.47 3.20 -34.88
CA VAL B 43 -26.93 2.74 -33.60
C VAL B 43 -25.43 3.02 -33.50
N ALA B 44 -24.72 2.96 -34.63
CA ALA B 44 -23.28 3.20 -34.68
C ALA B 44 -22.89 4.66 -34.43
N LYS B 45 -23.88 5.54 -34.37
CA LYS B 45 -23.65 6.96 -34.13
C LYS B 45 -23.92 7.35 -32.67
N VAL B 46 -24.37 6.38 -31.88
CA VAL B 46 -24.62 6.58 -30.46
C VAL B 46 -23.32 6.32 -29.67
N PRO B 47 -22.84 7.34 -28.93
CA PRO B 47 -21.56 7.25 -28.23
C PRO B 47 -21.53 6.19 -27.14
N SER B 48 -20.57 5.27 -27.23
CA SER B 48 -20.39 4.21 -26.25
C SER B 48 -18.92 4.06 -25.88
N PHE B 49 -18.66 3.57 -24.67
CA PHE B 49 -17.30 3.44 -24.14
C PHE B 49 -16.46 2.39 -24.86
N MET B 50 -15.18 2.70 -25.07
CA MET B 50 -14.23 1.75 -25.65
C MET B 50 -13.46 1.02 -24.55
N TRP B 51 -13.51 -0.31 -24.59
CA TRP B 51 -12.85 -1.13 -23.57
C TRP B 51 -11.42 -1.42 -23.91
N LEU B 52 -10.53 -1.10 -22.98
CA LEU B 52 -9.12 -1.45 -23.13
C LEU B 52 -8.86 -2.78 -22.43
N ASP B 53 -9.41 -3.85 -23.01
CA ASP B 53 -9.37 -5.18 -22.42
C ASP B 53 -8.02 -5.90 -22.54
N THR B 54 -7.18 -5.44 -23.45
CA THR B 54 -5.82 -5.94 -23.61
C THR B 54 -4.84 -4.78 -23.72
N LEU B 55 -3.55 -5.06 -23.48
CA LEU B 55 -2.53 -4.04 -23.63
C LEU B 55 -2.43 -3.54 -25.07
N ASP B 56 -2.52 -4.45 -26.04
CA ASP B 56 -2.43 -4.06 -27.44
C ASP B 56 -3.72 -3.39 -27.97
N LYS B 57 -4.57 -2.97 -27.04
CA LYS B 57 -5.75 -2.18 -27.36
C LYS B 57 -5.49 -0.70 -27.04
N THR B 58 -4.36 -0.43 -26.38
CA THR B 58 -3.97 0.95 -26.04
C THR B 58 -3.60 1.83 -27.26
N PRO B 59 -3.03 1.22 -28.34
CA PRO B 59 -2.84 2.04 -29.54
C PRO B 59 -4.16 2.46 -30.19
N LEU B 60 -5.21 1.67 -29.99
CA LEU B 60 -6.54 2.00 -30.53
C LEU B 60 -7.20 3.15 -29.75
N MET B 61 -6.82 3.30 -28.48
CA MET B 61 -7.24 4.44 -27.67
C MET B 61 -6.57 5.72 -28.19
N GLU B 62 -5.29 5.60 -28.52
CA GLU B 62 -4.49 6.69 -29.07
C GLU B 62 -5.02 7.16 -30.42
N GLN B 63 -5.43 6.20 -31.26
CA GLN B 63 -6.00 6.48 -32.58
C GLN B 63 -7.36 7.16 -32.50
N THR B 64 -8.17 6.75 -31.52
CA THR B 64 -9.46 7.38 -31.27
C THR B 64 -9.27 8.82 -30.82
N LEU B 65 -8.32 9.04 -29.90
CA LEU B 65 -7.99 10.38 -29.40
C LEU B 65 -7.37 11.26 -30.49
N ALA B 66 -6.68 10.63 -31.44
CA ALA B 66 -6.17 11.33 -32.62
C ALA B 66 -7.32 11.80 -33.50
N ASP B 67 -8.35 10.97 -33.62
CA ASP B 67 -9.56 11.32 -34.37
C ASP B 67 -10.36 12.43 -33.68
N ILE B 68 -10.31 12.46 -32.35
CA ILE B 68 -11.00 13.49 -31.57
C ILE B 68 -10.30 14.84 -31.71
N ARG B 69 -8.97 14.83 -31.72
CA ARG B 69 -8.18 16.05 -31.90
C ARG B 69 -8.41 16.67 -33.28
N THR B 70 -8.50 15.84 -34.31
CA THR B 70 -8.77 16.28 -35.67
C THR B 70 -10.18 16.88 -35.79
N ALA B 71 -11.14 16.27 -35.11
CA ALA B 71 -12.52 16.77 -35.11
C ALA B 71 -12.65 18.06 -34.30
N ASN B 72 -11.91 18.13 -33.18
CA ASN B 72 -11.97 19.28 -32.27
C ASN B 72 -11.35 20.57 -32.79
N LYS B 73 -10.46 20.46 -33.78
CA LYS B 73 -9.89 21.65 -34.42
C LYS B 73 -10.83 22.20 -35.50
N ASN B 74 -11.74 21.36 -35.97
CA ASN B 74 -12.72 21.73 -36.99
C ASN B 74 -14.12 21.97 -36.41
N GLY B 75 -14.18 22.74 -35.32
CA GLY B 75 -15.45 23.11 -34.71
C GLY B 75 -15.91 22.20 -33.59
N GLY B 76 -15.40 20.98 -33.56
CA GLY B 76 -15.82 19.97 -32.59
C GLY B 76 -15.44 20.25 -31.15
N ASN B 77 -16.16 19.61 -30.24
CA ASN B 77 -15.92 19.74 -28.80
C ASN B 77 -16.14 18.37 -28.12
N TYR B 78 -15.41 17.37 -28.61
CA TYR B 78 -15.63 15.98 -28.21
C TYR B 78 -14.73 15.50 -27.07
N ALA B 79 -15.23 14.52 -26.32
CA ALA B 79 -14.50 13.91 -25.21
C ALA B 79 -14.40 12.40 -25.38
N GLY B 80 -13.25 11.84 -25.00
CA GLY B 80 -13.01 10.41 -25.10
C GLY B 80 -13.65 9.60 -23.99
N GLN B 81 -14.06 8.38 -24.31
CA GLN B 81 -14.70 7.49 -23.34
C GLN B 81 -14.04 6.11 -23.39
N PHE B 82 -13.39 5.72 -22.29
CA PHE B 82 -12.65 4.46 -22.25
C PHE B 82 -12.85 3.66 -20.96
N VAL B 83 -12.71 2.35 -21.07
CA VAL B 83 -12.82 1.45 -19.92
C VAL B 83 -11.48 0.79 -19.62
N VAL B 84 -10.98 1.02 -18.41
CA VAL B 84 -9.76 0.36 -17.93
C VAL B 84 -10.14 -1.03 -17.41
N TYR B 85 -9.73 -2.07 -18.15
CA TYR B 85 -10.21 -3.43 -17.89
C TYR B 85 -9.15 -4.48 -18.26
N ASP B 86 -8.14 -4.62 -17.41
CA ASP B 86 -7.09 -5.61 -17.65
C ASP B 86 -6.41 -6.07 -16.35
N LEU B 87 -7.22 -6.26 -15.32
CA LEU B 87 -6.75 -6.63 -14.00
C LEU B 87 -6.16 -8.06 -13.99
N PRO B 88 -5.05 -8.27 -13.26
CA PRO B 88 -4.52 -9.63 -13.09
C PRO B 88 -5.52 -10.49 -12.32
N ASP B 89 -5.72 -11.73 -12.80
CA ASP B 89 -6.81 -12.60 -12.35
C ASP B 89 -8.17 -11.90 -12.49
N ARG B 90 -8.41 -11.37 -13.69
CA ARG B 90 -9.61 -10.62 -14.03
C ARG B 90 -10.86 -11.49 -13.93
N ASP B 91 -11.98 -10.84 -13.59
CA ASP B 91 -13.30 -11.49 -13.55
C ASP B 91 -13.25 -12.75 -12.69
N CYS B 92 -12.89 -12.56 -11.41
CA CYS B 92 -12.53 -13.65 -10.51
C CYS B 92 -13.67 -14.61 -10.12
N ALA B 93 -14.91 -14.12 -10.16
CA ALA B 93 -16.06 -14.92 -9.74
C ALA B 93 -16.76 -15.64 -10.90
N ALA B 94 -16.27 -15.41 -12.12
CA ALA B 94 -16.82 -16.07 -13.30
C ALA B 94 -15.69 -16.60 -14.20
N LEU B 95 -16.05 -17.19 -15.34
CA LEU B 95 -15.07 -17.83 -16.21
C LEU B 95 -14.98 -17.23 -17.61
N ALA B 96 -16.05 -16.55 -18.05
CA ALA B 96 -16.17 -16.08 -19.43
C ALA B 96 -15.20 -14.97 -19.83
N SER B 97 -14.85 -14.11 -18.88
CA SER B 97 -14.06 -12.91 -19.17
C SER B 97 -12.67 -12.92 -18.54
N ASN B 98 -12.02 -14.08 -18.50
CA ASN B 98 -10.65 -14.17 -18.00
C ASN B 98 -9.67 -13.43 -18.90
N GLY B 99 -8.72 -12.72 -18.28
CA GLY B 99 -7.82 -11.84 -18.98
C GLY B 99 -6.44 -12.41 -19.31
N GLU B 100 -5.59 -11.54 -19.84
CA GLU B 100 -4.26 -11.92 -20.32
C GLU B 100 -3.22 -12.03 -19.20
N TYR B 101 -3.45 -11.33 -18.09
CA TYR B 101 -2.51 -11.32 -16.96
C TYR B 101 -3.00 -12.12 -15.77
N SER B 102 -2.06 -12.75 -15.06
CA SER B 102 -2.36 -13.49 -13.84
C SER B 102 -1.38 -13.12 -12.73
N ILE B 103 -1.89 -13.07 -11.50
CA ILE B 103 -1.08 -12.68 -10.33
C ILE B 103 0.12 -13.63 -10.12
N ALA B 104 -0.06 -14.91 -10.43
CA ALA B 104 1.02 -15.89 -10.32
C ALA B 104 2.18 -15.61 -11.29
N ASP B 105 1.85 -15.06 -12.45
CA ASP B 105 2.85 -14.77 -13.48
C ASP B 105 3.14 -13.26 -13.59
N GLY B 106 3.53 -12.65 -12.48
CA GLY B 106 3.92 -11.23 -12.43
C GLY B 106 2.87 -10.27 -12.95
N GLY B 107 1.60 -10.55 -12.65
CA GLY B 107 0.48 -9.76 -13.15
C GLY B 107 0.41 -8.33 -12.65
N VAL B 108 0.85 -8.10 -11.42
CA VAL B 108 0.82 -6.75 -10.83
C VAL B 108 1.80 -5.82 -11.55
N ALA B 109 3.02 -6.30 -11.79
CA ALA B 109 4.03 -5.54 -12.55
C ALA B 109 3.55 -5.25 -13.97
N LYS B 110 2.91 -6.24 -14.60
CA LYS B 110 2.34 -6.09 -15.94
C LYS B 110 1.15 -5.12 -15.98
N TYR B 111 0.33 -5.13 -14.93
CA TYR B 111 -0.79 -4.19 -14.84
C TYR B 111 -0.30 -2.75 -14.69
N LYS B 112 0.75 -2.56 -13.88
CA LYS B 112 1.36 -1.24 -13.71
C LYS B 112 1.90 -0.70 -15.03
N ASN B 113 2.57 -1.58 -15.79
CA ASN B 113 3.05 -1.25 -17.13
C ASN B 113 1.91 -0.90 -18.08
N TYR B 114 0.79 -1.61 -17.93
CA TYR B 114 -0.45 -1.33 -18.66
C TYR B 114 -0.99 0.06 -18.32
N ILE B 115 -0.98 0.41 -17.03
CA ILE B 115 -1.41 1.74 -16.58
C ILE B 115 -0.49 2.85 -17.07
N ASP B 116 0.82 2.62 -16.99
CA ASP B 116 1.83 3.55 -17.49
C ASP B 116 1.59 3.90 -18.95
N THR B 117 1.22 2.88 -19.73
CA THR B 117 0.93 3.03 -21.15
C THR B 117 -0.26 3.97 -21.37
N ILE B 118 -1.32 3.77 -20.58
CA ILE B 118 -2.51 4.63 -20.66
C ILE B 118 -2.18 6.07 -20.26
N ARG B 119 -1.44 6.23 -19.16
CA ARG B 119 -1.03 7.54 -18.68
C ARG B 119 -0.34 8.37 -19.76
N GLN B 120 0.60 7.74 -20.46
CA GLN B 120 1.37 8.41 -21.51
C GLN B 120 0.52 8.84 -22.70
N ILE B 121 -0.55 8.10 -22.98
CA ILE B 121 -1.51 8.47 -24.00
C ILE B 121 -2.33 9.68 -23.53
N VAL B 122 -2.74 9.66 -22.27
CA VAL B 122 -3.50 10.76 -21.67
C VAL B 122 -2.66 12.04 -21.57
N VAL B 123 -1.39 11.90 -21.23
CA VAL B 123 -0.43 13.02 -21.20
C VAL B 123 -0.23 13.59 -22.61
N GLU B 124 -0.02 12.70 -23.58
CA GLU B 124 0.08 13.09 -25.00
C GLU B 124 -1.14 13.88 -25.45
N TYR B 125 -2.33 13.44 -25.01
CA TYR B 125 -3.58 14.09 -25.37
C TYR B 125 -4.24 14.80 -24.19
N SER B 126 -3.47 15.66 -23.53
CA SER B 126 -3.95 16.45 -22.41
C SER B 126 -4.89 17.58 -22.87
N ASP B 127 -4.97 17.77 -24.18
CA ASP B 127 -5.88 18.74 -24.78
C ASP B 127 -7.31 18.18 -24.92
N ILE B 128 -7.50 16.93 -24.55
CA ILE B 128 -8.81 16.27 -24.67
C ILE B 128 -9.29 15.72 -23.32
N ARG B 129 -10.50 16.13 -22.94
CA ARG B 129 -11.16 15.60 -21.75
C ARG B 129 -11.43 14.10 -21.94
N THR B 130 -10.98 13.30 -20.97
CA THR B 130 -11.03 11.85 -21.10
C THR B 130 -11.74 11.21 -19.92
N LEU B 131 -12.85 10.54 -20.21
CA LEU B 131 -13.73 9.97 -19.19
C LEU B 131 -13.49 8.46 -19.07
N LEU B 132 -13.17 8.00 -17.87
CA LEU B 132 -12.77 6.61 -17.64
C LEU B 132 -13.64 5.87 -16.64
N VAL B 133 -13.97 4.62 -16.99
CA VAL B 133 -14.59 3.68 -16.06
C VAL B 133 -13.50 2.73 -15.58
N ILE B 134 -13.35 2.59 -14.26
CA ILE B 134 -12.26 1.82 -13.68
C ILE B 134 -12.68 0.40 -13.26
N GLU B 135 -12.16 -0.59 -13.99
CA GLU B 135 -12.24 -2.02 -13.64
C GLU B 135 -13.62 -2.56 -13.21
N PRO B 136 -14.53 -2.81 -14.18
CA PRO B 136 -15.83 -3.42 -13.89
C PRO B 136 -15.75 -4.79 -13.21
N ALA B 137 -16.73 -5.05 -12.34
CA ALA B 137 -16.88 -6.33 -11.63
C ALA B 137 -15.86 -6.60 -10.52
N SER B 138 -14.71 -5.93 -10.57
CA SER B 138 -13.62 -6.17 -9.62
C SER B 138 -13.98 -5.95 -8.14
N LEU B 139 -14.23 -4.70 -7.75
CA LEU B 139 -14.51 -4.36 -6.35
C LEU B 139 -15.84 -4.95 -5.85
N ALA B 140 -16.82 -5.04 -6.75
CA ALA B 140 -18.11 -5.64 -6.43
C ALA B 140 -17.97 -7.12 -6.06
N ASN B 141 -17.01 -7.80 -6.69
CA ASN B 141 -16.67 -9.20 -6.36
C ASN B 141 -16.01 -9.33 -4.99
N LEU B 142 -15.35 -8.27 -4.53
CA LEU B 142 -14.68 -8.29 -3.23
C LEU B 142 -15.66 -8.15 -2.07
N VAL B 143 -16.87 -7.70 -2.39
CA VAL B 143 -17.93 -7.53 -1.39
C VAL B 143 -18.75 -8.80 -1.20
N THR B 144 -19.12 -9.46 -2.31
CA THR B 144 -20.06 -10.59 -2.26
C THR B 144 -19.44 -11.95 -2.57
N ASN B 145 -18.27 -11.96 -3.21
CA ASN B 145 -17.68 -13.21 -3.69
C ASN B 145 -16.32 -13.60 -3.09
N LEU B 146 -16.12 -13.31 -1.80
CA LEU B 146 -14.92 -13.76 -1.09
C LEU B 146 -14.97 -15.26 -0.79
N GLY B 147 -16.10 -15.90 -1.14
CA GLY B 147 -16.24 -17.34 -1.04
C GLY B 147 -15.57 -18.08 -2.19
N THR B 148 -15.26 -17.34 -3.25
CA THR B 148 -14.49 -17.84 -4.38
C THR B 148 -13.01 -17.56 -4.11
N PRO B 149 -12.20 -18.62 -3.95
CA PRO B 149 -10.75 -18.48 -3.68
C PRO B 149 -10.03 -17.55 -4.66
N LYS B 150 -10.46 -17.51 -5.91
CA LYS B 150 -9.84 -16.64 -6.91
C LYS B 150 -10.04 -15.16 -6.58
N CYS B 151 -11.22 -14.81 -6.05
CA CYS B 151 -11.49 -13.45 -5.62
C CYS B 151 -10.79 -13.12 -4.30
N ALA B 152 -10.85 -14.06 -3.36
CA ALA B 152 -10.25 -13.89 -2.04
C ALA B 152 -8.73 -13.73 -2.09
N ASN B 153 -8.08 -14.53 -2.94
CA ASN B 153 -6.62 -14.49 -3.08
C ASN B 153 -6.15 -13.33 -3.96
N ALA B 154 -7.09 -12.67 -4.62
CA ALA B 154 -6.79 -11.55 -5.52
C ALA B 154 -7.02 -10.17 -4.90
N GLN B 155 -7.56 -10.15 -3.67
CA GLN B 155 -7.91 -8.88 -3.02
C GLN B 155 -6.74 -7.91 -2.89
N SER B 156 -5.62 -8.40 -2.37
CA SER B 156 -4.41 -7.59 -2.18
C SER B 156 -3.94 -6.96 -3.49
N ALA B 157 -3.88 -7.78 -4.54
CA ALA B 157 -3.46 -7.32 -5.86
C ALA B 157 -4.47 -6.35 -6.46
N TYR B 158 -5.75 -6.67 -6.37
CA TYR B 158 -6.84 -5.81 -6.85
C TYR B 158 -6.75 -4.40 -6.29
N LEU B 159 -6.61 -4.30 -4.97
CA LEU B 159 -6.56 -3.01 -4.28
C LEU B 159 -5.25 -2.26 -4.56
N GLU B 160 -4.16 -3.01 -4.71
CA GLU B 160 -2.89 -2.41 -5.12
C GLU B 160 -3.00 -1.86 -6.54
N CYS B 161 -3.55 -2.68 -7.44
CA CYS B 161 -3.69 -2.34 -8.85
C CYS B 161 -4.61 -1.14 -9.10
N ILE B 162 -5.76 -1.13 -8.41
CA ILE B 162 -6.72 -0.02 -8.53
C ILE B 162 -6.15 1.28 -7.96
N ASN B 163 -5.41 1.19 -6.85
CA ASN B 163 -4.70 2.33 -6.29
C ASN B 163 -3.73 2.97 -7.29
N TYR B 164 -2.98 2.14 -7.99
CA TYR B 164 -2.03 2.59 -8.99
C TYR B 164 -2.74 3.24 -10.19
N ALA B 165 -3.89 2.66 -10.57
CA ALA B 165 -4.68 3.19 -11.68
C ALA B 165 -5.28 4.55 -11.35
N VAL B 166 -5.82 4.67 -10.14
CA VAL B 166 -6.48 5.91 -9.70
C VAL B 166 -5.49 7.05 -9.45
N THR B 167 -4.30 6.72 -8.96
CA THR B 167 -3.25 7.72 -8.72
C THR B 167 -2.53 8.15 -10.00
N GLN B 168 -2.08 7.18 -10.79
CA GLN B 168 -1.31 7.48 -12.02
C GLN B 168 -2.14 8.11 -13.13
N LEU B 169 -3.46 7.97 -13.06
CA LEU B 169 -4.36 8.59 -14.04
C LEU B 169 -5.06 9.82 -13.45
N ASN B 170 -4.63 10.24 -12.26
CA ASN B 170 -5.13 11.46 -11.62
C ASN B 170 -4.52 12.69 -12.30
N LEU B 171 -5.14 13.09 -13.42
CA LEU B 171 -4.64 14.18 -14.25
C LEU B 171 -5.75 15.19 -14.57
N PRO B 172 -5.38 16.47 -14.80
CA PRO B 172 -6.34 17.56 -15.01
C PRO B 172 -7.45 17.28 -16.02
N ASN B 173 -7.15 16.52 -17.08
CA ASN B 173 -8.13 16.23 -18.13
C ASN B 173 -8.92 14.92 -17.92
N VAL B 174 -8.65 14.23 -16.82
CA VAL B 174 -9.26 12.92 -16.55
C VAL B 174 -10.44 13.00 -15.58
N ALA B 175 -11.49 12.25 -15.89
CA ALA B 175 -12.61 12.04 -14.97
C ALA B 175 -12.85 10.54 -14.82
N MET B 176 -12.56 10.02 -13.63
CA MET B 176 -12.68 8.59 -13.35
C MET B 176 -13.95 8.23 -12.59
N TYR B 177 -14.48 7.05 -12.91
CA TYR B 177 -15.61 6.48 -12.18
C TYR B 177 -15.29 5.02 -11.83
N LEU B 178 -15.25 4.72 -10.54
CA LEU B 178 -15.07 3.34 -10.07
C LEU B 178 -16.33 2.53 -10.32
N ASP B 179 -16.17 1.33 -10.85
CA ASP B 179 -17.30 0.43 -11.07
C ASP B 179 -17.88 -0.04 -9.74
N ALA B 180 -19.19 0.05 -9.61
CA ALA B 180 -19.89 -0.22 -8.36
C ALA B 180 -21.05 -1.19 -8.51
N GLY B 181 -20.93 -2.12 -9.45
CA GLY B 181 -21.97 -3.11 -9.73
C GLY B 181 -23.31 -2.48 -10.06
N HIS B 182 -24.38 -3.11 -9.58
CA HIS B 182 -25.74 -2.62 -9.83
C HIS B 182 -26.66 -2.91 -8.67
N ALA B 183 -27.93 -2.49 -8.81
CA ALA B 183 -28.95 -2.68 -7.77
C ALA B 183 -29.17 -4.15 -7.38
N GLY B 184 -28.99 -5.05 -8.33
CA GLY B 184 -29.16 -6.48 -8.09
C GLY B 184 -27.95 -7.13 -7.44
N TRP B 185 -26.82 -6.42 -7.50
CA TRP B 185 -25.57 -6.90 -6.91
C TRP B 185 -25.41 -6.38 -5.52
N LEU B 186 -25.22 -5.07 -5.40
CA LEU B 186 -24.89 -4.44 -4.12
C LEU B 186 -26.04 -3.63 -3.52
N GLY B 187 -27.20 -3.65 -4.19
CA GLY B 187 -28.39 -2.93 -3.72
C GLY B 187 -29.12 -3.63 -2.59
N TRP B 188 -28.83 -4.92 -2.39
CA TRP B 188 -29.35 -5.70 -1.27
C TRP B 188 -29.01 -5.04 0.05
N PRO B 189 -29.94 -5.07 1.01
CA PRO B 189 -29.75 -4.40 2.31
C PRO B 189 -28.40 -4.67 2.98
N ALA B 190 -27.98 -5.93 3.01
CA ALA B 190 -26.74 -6.34 3.70
C ALA B 190 -25.47 -5.99 2.93
N ASN B 191 -25.61 -5.77 1.63
CA ASN B 191 -24.45 -5.48 0.77
C ASN B 191 -24.08 -4.01 0.68
N GLN B 192 -25.02 -3.12 1.01
CA GLN B 192 -24.88 -1.67 0.78
C GLN B 192 -23.71 -1.00 1.50
N ASP B 193 -23.61 -1.22 2.82
CA ASP B 193 -22.58 -0.55 3.63
C ASP B 193 -21.17 -1.12 3.46
N PRO B 194 -21.03 -2.47 3.40
CA PRO B 194 -19.73 -3.05 3.02
C PRO B 194 -19.22 -2.56 1.66
N ALA B 195 -20.13 -2.34 0.71
CA ALA B 195 -19.78 -1.78 -0.59
C ALA B 195 -19.25 -0.36 -0.44
N ALA B 196 -20.01 0.48 0.27
CA ALA B 196 -19.65 1.88 0.50
C ALA B 196 -18.35 2.05 1.29
N GLN B 197 -18.09 1.13 2.23
CA GLN B 197 -16.83 1.11 2.98
C GLN B 197 -15.65 0.91 2.02
N LEU B 198 -15.78 -0.06 1.12
CA LEU B 198 -14.71 -0.41 0.19
C LEU B 198 -14.39 0.74 -0.79
N PHE B 199 -15.41 1.32 -1.41
CA PHE B 199 -15.21 2.42 -2.37
C PHE B 199 -14.59 3.66 -1.74
N ALA B 200 -15.03 4.01 -0.54
CA ALA B 200 -14.50 5.16 0.18
C ALA B 200 -13.06 4.93 0.65
N ASN B 201 -12.73 3.68 0.98
CA ASN B 201 -11.37 3.31 1.35
C ASN B 201 -10.38 3.40 0.20
N VAL B 202 -10.84 3.09 -1.02
CA VAL B 202 -10.03 3.23 -2.22
C VAL B 202 -9.77 4.72 -2.49
N TYR B 203 -10.79 5.54 -2.25
CA TYR B 203 -10.70 6.99 -2.42
C TYR B 203 -9.69 7.64 -1.47
N LYS B 204 -9.77 7.30 -0.19
CA LYS B 204 -8.90 7.87 0.84
C LYS B 204 -7.45 7.38 0.74
N ASN B 205 -7.29 6.12 0.34
CA ASN B 205 -5.98 5.51 0.17
C ASN B 205 -5.16 6.19 -0.93
N ALA B 206 -5.85 6.64 -1.97
CA ALA B 206 -5.24 7.35 -3.08
C ALA B 206 -5.20 8.87 -2.83
N SER B 207 -5.31 9.25 -1.56
CA SER B 207 -5.26 10.65 -1.10
C SER B 207 -6.28 11.57 -1.75
N SER B 208 -7.53 11.11 -1.77
CA SER B 208 -8.68 11.88 -2.28
C SER B 208 -8.37 12.57 -3.63
N PRO B 209 -8.23 11.79 -4.71
CA PRO B 209 -7.83 12.35 -6.00
C PRO B 209 -8.92 13.22 -6.62
N ARG B 210 -8.50 14.33 -7.23
CA ARG B 210 -9.42 15.26 -7.89
C ARG B 210 -10.10 14.64 -9.12
N ALA B 211 -9.38 13.76 -9.81
CA ALA B 211 -9.87 13.12 -11.04
C ALA B 211 -10.93 12.03 -10.77
N LEU B 212 -10.93 11.49 -9.55
CA LEU B 212 -11.90 10.46 -9.17
C LEU B 212 -13.25 11.08 -8.81
N ARG B 213 -14.08 11.24 -9.83
CA ARG B 213 -15.38 11.91 -9.70
C ARG B 213 -16.37 11.10 -8.87
N GLY B 214 -16.35 9.77 -9.02
CA GLY B 214 -17.23 8.90 -8.26
C GLY B 214 -17.35 7.47 -8.73
N LEU B 215 -18.58 7.01 -8.89
CA LEU B 215 -18.89 5.61 -9.16
C LEU B 215 -19.68 5.40 -10.45
N ALA B 216 -19.48 4.24 -11.08
CA ALA B 216 -20.24 3.84 -12.26
C ALA B 216 -21.10 2.62 -11.93
N THR B 217 -22.35 2.63 -12.37
CA THR B 217 -23.29 1.54 -12.04
C THR B 217 -23.93 0.90 -13.28
N ASN B 218 -24.34 -0.36 -13.12
CA ASN B 218 -25.06 -1.13 -14.14
C ASN B 218 -24.23 -1.49 -15.38
N VAL B 219 -22.90 -1.37 -15.27
CA VAL B 219 -22.00 -1.67 -16.39
C VAL B 219 -22.13 -3.13 -16.82
N ALA B 220 -22.51 -3.32 -18.09
CA ALA B 220 -22.73 -4.63 -18.70
C ALA B 220 -23.91 -5.39 -18.09
N ASN B 221 -24.81 -4.66 -17.44
CA ASN B 221 -26.04 -5.23 -16.90
C ASN B 221 -27.28 -4.60 -17.54
N TYR B 222 -28.46 -4.90 -16.99
CA TYR B 222 -29.73 -4.66 -17.69
C TYR B 222 -30.78 -3.88 -16.88
N ASN B 223 -30.47 -3.58 -15.62
CA ASN B 223 -31.40 -2.90 -14.74
C ASN B 223 -31.91 -1.58 -15.31
N GLY B 224 -33.20 -1.32 -15.10
CA GLY B 224 -33.81 -0.05 -15.53
C GLY B 224 -33.30 1.10 -14.69
N TRP B 225 -33.44 2.32 -15.21
CA TRP B 225 -33.00 3.52 -14.48
C TRP B 225 -33.98 3.93 -13.42
N ASN B 226 -35.20 4.24 -13.82
CA ASN B 226 -36.21 4.78 -12.90
C ASN B 226 -37.59 4.16 -13.08
N ILE B 227 -37.61 2.88 -13.45
CA ILE B 227 -38.87 2.15 -13.66
C ILE B 227 -39.73 2.14 -12.39
N THR B 228 -41.00 2.51 -12.55
CA THR B 228 -41.92 2.66 -11.42
C THR B 228 -42.49 1.33 -10.93
N SER B 229 -42.36 0.28 -11.74
CA SER B 229 -42.87 -1.04 -11.40
C SER B 229 -41.73 -2.04 -11.17
N PRO B 230 -41.70 -2.66 -9.97
CA PRO B 230 -40.67 -3.65 -9.67
C PRO B 230 -40.91 -4.98 -10.40
N PRO B 231 -39.93 -5.42 -11.21
CA PRO B 231 -40.02 -6.71 -11.92
C PRO B 231 -39.98 -7.89 -10.95
N SER B 232 -40.62 -8.99 -11.34
CA SER B 232 -40.79 -10.16 -10.46
C SER B 232 -39.47 -10.70 -9.90
N TYR B 233 -38.43 -10.73 -10.73
CA TYR B 233 -37.12 -11.25 -10.33
C TYR B 233 -36.39 -10.39 -9.29
N THR B 234 -36.89 -9.17 -9.06
CA THR B 234 -36.31 -8.28 -8.06
C THR B 234 -36.91 -8.49 -6.67
N GLN B 235 -37.95 -9.31 -6.58
CA GLN B 235 -38.70 -9.56 -5.34
C GLN B 235 -37.78 -9.91 -4.18
N GLY B 236 -37.92 -9.16 -3.09
CA GLY B 236 -37.06 -9.32 -1.91
C GLY B 236 -36.05 -8.20 -1.75
N ASN B 237 -36.17 -7.17 -2.58
CA ASN B 237 -35.28 -6.01 -2.53
C ASN B 237 -36.04 -4.71 -2.84
N ALA B 238 -35.95 -3.76 -1.91
CA ALA B 238 -36.57 -2.44 -2.08
C ALA B 238 -35.82 -1.60 -3.12
N VAL B 239 -34.55 -1.95 -3.33
CA VAL B 239 -33.73 -1.32 -4.37
C VAL B 239 -33.84 -2.16 -5.64
N TYR B 240 -34.79 -1.79 -6.50
CA TYR B 240 -35.07 -2.57 -7.70
C TYR B 240 -34.63 -1.90 -9.01
N ASN B 241 -34.34 -0.60 -8.96
CA ASN B 241 -33.73 0.09 -10.10
C ASN B 241 -32.42 0.83 -9.75
N GLU B 242 -31.82 1.47 -10.74
CA GLU B 242 -30.51 2.11 -10.55
C GLU B 242 -30.57 3.48 -9.88
N LYS B 243 -31.70 4.16 -10.01
CA LYS B 243 -31.92 5.43 -9.31
C LYS B 243 -31.92 5.22 -7.80
N LEU B 244 -32.64 4.19 -7.36
CA LEU B 244 -32.72 3.84 -5.94
C LEU B 244 -31.37 3.35 -5.40
N TYR B 245 -30.56 2.75 -6.26
CA TYR B 245 -29.25 2.25 -5.85
C TYR B 245 -28.24 3.36 -5.55
N ILE B 246 -28.19 4.36 -6.42
CA ILE B 246 -27.22 5.45 -6.26
C ILE B 246 -27.61 6.41 -5.13
N HIS B 247 -28.91 6.53 -4.86
CA HIS B 247 -29.43 7.37 -3.78
C HIS B 247 -29.34 6.71 -2.44
N ALA B 248 -29.08 5.41 -2.44
CA ALA B 248 -28.84 4.66 -1.20
C ALA B 248 -27.36 4.63 -0.84
N ILE B 249 -26.50 4.42 -1.84
CA ILE B 249 -25.06 4.32 -1.63
C ILE B 249 -24.41 5.70 -1.46
N GLY B 250 -24.88 6.67 -2.24
CA GLY B 250 -24.42 8.07 -2.15
C GLY B 250 -24.18 8.58 -0.73
N PRO B 251 -25.24 8.59 0.11
CA PRO B 251 -25.13 9.03 1.52
C PRO B 251 -24.12 8.22 2.33
N LEU B 252 -24.05 6.91 2.07
CA LEU B 252 -23.16 6.02 2.81
C LEU B 252 -21.68 6.23 2.46
N LEU B 253 -21.42 6.78 1.27
CA LEU B 253 -20.08 7.17 0.86
C LEU B 253 -19.60 8.38 1.66
N ALA B 254 -20.48 9.38 1.80
CA ALA B 254 -20.22 10.55 2.62
C ALA B 254 -19.97 10.17 4.08
N ASN B 255 -20.74 9.19 4.55
CA ASN B 255 -20.59 8.64 5.90
C ASN B 255 -19.22 8.01 6.15
N HIS B 256 -18.59 7.51 5.08
CA HIS B 256 -17.28 6.87 5.19
C HIS B 256 -16.14 7.69 4.67
N GLY B 257 -16.35 9.00 4.55
CA GLY B 257 -15.27 9.94 4.23
C GLY B 257 -15.17 10.37 2.78
N TRP B 258 -16.11 9.94 1.93
CA TRP B 258 -16.12 10.32 0.52
C TRP B 258 -17.30 11.19 0.21
N SER B 259 -17.11 12.51 0.32
CA SER B 259 -18.16 13.47 0.00
C SER B 259 -18.05 13.95 -1.45
N ASN B 260 -19.16 14.44 -1.98
CA ASN B 260 -19.27 14.91 -3.37
C ASN B 260 -18.97 13.83 -4.41
N ALA B 261 -19.32 12.58 -4.10
CA ALA B 261 -19.19 11.49 -5.05
C ALA B 261 -20.40 11.47 -5.97
N PHE B 262 -20.16 11.36 -7.28
CA PHE B 262 -21.23 11.35 -8.26
C PHE B 262 -21.28 10.05 -9.07
N PHE B 263 -22.30 9.92 -9.92
CA PHE B 263 -22.60 8.65 -10.57
C PHE B 263 -22.81 8.72 -12.07
N ILE B 264 -22.40 7.66 -12.77
CA ILE B 264 -22.85 7.40 -14.14
C ILE B 264 -23.47 6.01 -14.21
N THR B 265 -24.51 5.86 -15.02
CA THR B 265 -25.28 4.62 -15.07
C THR B 265 -25.44 4.13 -16.51
N ASP B 266 -25.00 2.90 -16.74
CA ASP B 266 -25.10 2.23 -18.02
C ASP B 266 -26.56 1.87 -18.30
N GLN B 267 -27.05 2.29 -19.46
CA GLN B 267 -28.44 2.01 -19.88
C GLN B 267 -28.52 1.39 -21.28
N GLY B 268 -27.35 1.04 -21.84
CA GLY B 268 -27.25 0.52 -23.20
C GLY B 268 -27.99 -0.77 -23.50
N ARG B 269 -28.35 -1.51 -22.47
CA ARG B 269 -29.15 -2.73 -22.63
C ARG B 269 -30.33 -2.77 -21.66
N SER B 270 -30.87 -1.60 -21.35
CA SER B 270 -31.91 -1.46 -20.33
C SER B 270 -33.28 -1.05 -20.89
N GLY B 271 -33.40 -1.02 -22.21
CA GLY B 271 -34.60 -0.50 -22.89
C GLY B 271 -35.90 -1.24 -22.65
N LYS B 272 -35.83 -2.57 -22.68
CA LYS B 272 -37.01 -3.41 -22.47
C LYS B 272 -37.14 -3.84 -21.02
N GLN B 273 -38.11 -3.26 -20.32
CA GLN B 273 -38.38 -3.60 -18.92
C GLN B 273 -39.82 -4.08 -18.77
N PRO B 274 -40.01 -5.24 -18.10
CA PRO B 274 -38.97 -6.09 -17.51
C PRO B 274 -38.23 -6.95 -18.53
N THR B 275 -37.07 -7.47 -18.13
CA THR B 275 -36.23 -8.29 -19.01
C THR B 275 -36.74 -9.73 -19.05
N GLY B 276 -36.09 -10.58 -19.84
CA GLY B 276 -36.42 -11.99 -19.90
C GLY B 276 -35.70 -12.83 -18.86
N GLN B 277 -35.21 -12.18 -17.81
CA GLN B 277 -34.48 -12.85 -16.74
C GLN B 277 -35.38 -13.75 -15.88
N GLN B 278 -34.95 -14.99 -15.71
CA GLN B 278 -35.60 -15.93 -14.80
C GLN B 278 -35.19 -15.64 -13.36
N GLN B 279 -33.90 -15.39 -13.16
CA GLN B 279 -33.36 -14.93 -11.88
C GLN B 279 -32.61 -13.61 -12.08
N TRP B 280 -32.43 -12.87 -10.99
CA TRP B 280 -31.80 -11.54 -11.05
C TRP B 280 -30.31 -11.61 -11.28
N GLY B 281 -29.68 -12.68 -10.79
CA GLY B 281 -28.24 -12.87 -10.94
C GLY B 281 -27.79 -13.43 -12.28
N ASP B 282 -28.75 -13.68 -13.17
CA ASP B 282 -28.45 -14.14 -14.52
C ASP B 282 -28.02 -12.95 -15.39
N TRP B 283 -26.75 -12.97 -15.80
CA TRP B 283 -26.10 -11.82 -16.43
C TRP B 283 -25.69 -12.02 -17.86
N CYS B 284 -25.53 -13.28 -18.27
CA CYS B 284 -24.96 -13.61 -19.59
C CYS B 284 -25.99 -13.59 -20.73
N ASN B 285 -25.73 -12.73 -21.71
CA ASN B 285 -26.55 -12.59 -22.93
C ASN B 285 -28.05 -12.75 -22.68
N VAL B 286 -28.61 -11.90 -21.83
CA VAL B 286 -30.00 -12.00 -21.39
C VAL B 286 -31.00 -11.74 -22.54
N ILE B 287 -31.90 -12.69 -22.74
CA ILE B 287 -32.95 -12.58 -23.77
C ILE B 287 -34.00 -11.53 -23.38
N GLY B 288 -34.67 -10.98 -24.38
CA GLY B 288 -35.74 -9.99 -24.15
C GLY B 288 -35.23 -8.64 -23.66
N THR B 289 -34.08 -8.21 -24.18
CA THR B 289 -33.50 -6.92 -23.83
C THR B 289 -33.43 -6.01 -25.05
N GLY B 290 -33.46 -4.70 -24.81
CA GLY B 290 -33.36 -3.70 -25.88
C GLY B 290 -32.45 -2.55 -25.51
N PHE B 291 -32.01 -1.81 -26.53
CA PHE B 291 -31.21 -0.60 -26.33
C PHE B 291 -32.01 0.41 -25.50
N GLY B 292 -31.36 1.01 -24.51
CA GLY B 292 -32.05 1.86 -23.54
C GLY B 292 -31.95 3.36 -23.75
N ILE B 293 -32.04 4.11 -22.66
CA ILE B 293 -31.95 5.57 -22.68
C ILE B 293 -30.62 6.02 -23.28
N ARG B 294 -30.71 6.97 -24.22
CA ARG B 294 -29.53 7.51 -24.90
C ARG B 294 -28.62 8.26 -23.93
N PRO B 295 -27.30 8.22 -24.18
CA PRO B 295 -26.32 8.96 -23.38
C PRO B 295 -26.58 10.47 -23.35
N SER B 296 -26.81 11.00 -22.15
CA SER B 296 -27.17 12.41 -21.96
C SER B 296 -26.74 12.91 -20.59
N ALA B 297 -26.32 14.18 -20.54
CA ALA B 297 -25.91 14.82 -19.29
C ALA B 297 -27.11 15.40 -18.54
N ASN B 298 -28.19 15.68 -19.26
CA ASN B 298 -29.40 16.23 -18.66
C ASN B 298 -30.23 15.10 -18.05
N THR B 299 -29.85 14.71 -16.84
CA THR B 299 -30.45 13.55 -16.18
C THR B 299 -31.66 13.91 -15.32
N GLY B 300 -31.72 15.16 -14.86
CA GLY B 300 -32.77 15.60 -13.94
C GLY B 300 -32.65 14.88 -12.61
N ASP B 301 -31.41 14.63 -12.21
CA ASP B 301 -31.10 13.87 -10.99
C ASP B 301 -29.94 14.53 -10.26
N SER B 302 -30.03 14.56 -8.94
CA SER B 302 -29.05 15.26 -8.09
C SER B 302 -27.68 14.58 -8.04
N LEU B 303 -27.66 13.27 -8.26
CA LEU B 303 -26.43 12.49 -8.11
C LEU B 303 -25.84 11.95 -9.41
N LEU B 304 -26.67 11.87 -10.45
CA LEU B 304 -26.24 11.30 -11.73
C LEU B 304 -25.69 12.35 -12.69
N ASP B 305 -24.41 12.21 -13.03
CA ASP B 305 -23.74 13.10 -13.97
C ASP B 305 -24.21 12.88 -15.40
N SER B 306 -24.41 11.62 -15.78
CA SER B 306 -24.82 11.27 -17.14
C SER B 306 -25.39 9.86 -17.26
N PHE B 307 -26.35 9.70 -18.17
CA PHE B 307 -26.73 8.38 -18.66
C PHE B 307 -25.65 7.98 -19.65
N VAL B 308 -25.20 6.73 -19.60
CA VAL B 308 -24.12 6.26 -20.48
C VAL B 308 -24.41 4.89 -21.10
N TRP B 309 -23.65 4.57 -22.15
CA TRP B 309 -23.61 3.24 -22.73
C TRP B 309 -22.21 2.73 -22.58
N VAL B 310 -21.95 1.98 -21.51
CA VAL B 310 -20.60 1.48 -21.24
C VAL B 310 -20.34 0.20 -22.04
N LYS B 311 -21.16 -0.82 -21.79
CA LYS B 311 -21.10 -2.07 -22.55
C LYS B 311 -21.73 -1.87 -23.93
N PRO B 312 -20.95 -2.14 -24.99
CA PRO B 312 -21.46 -2.00 -26.35
C PRO B 312 -22.40 -3.14 -26.73
N GLY B 313 -23.64 -2.81 -27.06
CA GLY B 313 -24.67 -3.79 -27.41
C GLY B 313 -24.36 -4.53 -28.70
N GLY B 314 -24.26 -5.84 -28.60
CA GLY B 314 -23.87 -6.69 -29.74
C GLY B 314 -22.62 -7.49 -29.45
N GLU B 315 -21.76 -6.92 -28.60
CA GLU B 315 -20.57 -7.63 -28.13
C GLU B 315 -20.97 -8.63 -27.05
N CYS B 316 -20.61 -9.90 -27.26
CA CYS B 316 -21.08 -11.00 -26.41
C CYS B 316 -20.54 -10.97 -24.98
N ASP B 317 -21.31 -11.55 -24.07
CA ASP B 317 -20.94 -11.66 -22.66
C ASP B 317 -20.13 -12.90 -22.32
N GLY B 318 -20.15 -13.88 -23.23
CA GLY B 318 -19.43 -15.15 -23.02
C GLY B 318 -20.03 -16.30 -23.80
N THR B 319 -19.20 -17.32 -24.06
CA THR B 319 -19.59 -18.46 -24.90
C THR B 319 -20.59 -19.41 -24.23
N SER B 320 -21.59 -19.82 -25.00
CA SER B 320 -22.58 -20.79 -24.55
C SER B 320 -22.12 -22.23 -24.81
N ASP B 321 -21.01 -22.36 -25.55
CA ASP B 321 -20.47 -23.66 -25.94
C ASP B 321 -19.66 -24.30 -24.82
N SER B 322 -20.15 -25.42 -24.30
CA SER B 322 -19.51 -26.11 -23.16
C SER B 322 -18.20 -26.83 -23.53
N SER B 323 -17.92 -26.93 -24.83
CA SER B 323 -16.66 -27.52 -25.29
C SER B 323 -15.58 -26.45 -25.51
N ALA B 324 -16.01 -25.19 -25.58
CA ALA B 324 -15.12 -24.05 -25.83
C ALA B 324 -14.44 -23.56 -24.55
N PRO B 325 -13.25 -22.91 -24.69
CA PRO B 325 -12.58 -22.30 -23.54
C PRO B 325 -13.37 -21.15 -22.95
N ARG B 326 -13.11 -20.85 -21.68
CA ARG B 326 -13.79 -19.78 -20.93
C ARG B 326 -15.32 -19.95 -20.87
N PHE B 327 -15.78 -21.20 -20.80
CA PHE B 327 -17.21 -21.47 -20.72
C PHE B 327 -17.76 -21.34 -19.30
N ASP B 328 -18.76 -20.48 -19.14
CA ASP B 328 -19.45 -20.31 -17.86
C ASP B 328 -20.86 -20.89 -17.98
N SER B 329 -21.30 -21.58 -16.92
CA SER B 329 -22.62 -22.21 -16.89
C SER B 329 -23.77 -21.21 -17.01
N HIS B 330 -23.54 -19.97 -16.55
CA HIS B 330 -24.52 -18.89 -16.66
C HIS B 330 -24.91 -18.60 -18.08
N CYS B 331 -23.98 -18.82 -19.00
CA CYS B 331 -24.20 -18.55 -20.42
C CYS B 331 -24.95 -19.69 -21.13
N ALA B 332 -25.17 -20.78 -20.41
CA ALA B 332 -25.92 -21.92 -20.94
C ALA B 332 -27.36 -21.98 -20.42
N LEU B 333 -27.71 -21.03 -19.55
CA LEU B 333 -29.04 -20.96 -18.94
C LEU B 333 -30.15 -20.67 -19.96
N PRO B 334 -31.41 -21.02 -19.61
CA PRO B 334 -32.57 -20.81 -20.50
C PRO B 334 -32.81 -19.36 -20.90
N ASP B 335 -32.50 -18.41 -20.01
CA ASP B 335 -32.68 -16.99 -20.31
C ASP B 335 -31.45 -16.32 -20.95
N ALA B 336 -30.50 -17.15 -21.37
CA ALA B 336 -29.32 -16.70 -22.11
C ALA B 336 -29.44 -17.07 -23.59
N LEU B 337 -29.19 -16.10 -24.46
CA LEU B 337 -29.32 -16.32 -25.91
C LEU B 337 -28.18 -17.18 -26.45
N GLN B 338 -28.56 -18.20 -27.22
CA GLN B 338 -27.63 -19.20 -27.75
C GLN B 338 -27.88 -19.44 -29.25
N PRO B 339 -26.83 -19.81 -30.02
CA PRO B 339 -25.45 -20.04 -29.61
C PRO B 339 -24.63 -18.75 -29.47
N ALA B 340 -23.82 -18.68 -28.42
CA ALA B 340 -23.05 -17.48 -28.10
C ALA B 340 -21.56 -17.67 -28.37
N PRO B 341 -20.93 -16.67 -29.00
CA PRO B 341 -19.48 -16.69 -29.23
C PRO B 341 -18.69 -16.28 -27.98
N GLN B 342 -17.37 -16.21 -28.11
CA GLN B 342 -16.49 -15.79 -27.04
C GLN B 342 -16.83 -14.38 -26.53
N ALA B 343 -16.53 -14.11 -25.27
CA ALA B 343 -16.79 -12.80 -24.66
C ALA B 343 -16.04 -11.70 -25.38
N GLY B 344 -16.76 -10.64 -25.74
CA GLY B 344 -16.17 -9.51 -26.47
C GLY B 344 -16.41 -9.57 -27.97
N ALA B 345 -16.47 -10.78 -28.51
CA ALA B 345 -16.70 -11.00 -29.93
C ALA B 345 -18.15 -10.70 -30.32
N TRP B 346 -18.39 -10.52 -31.62
CA TRP B 346 -19.70 -10.10 -32.12
C TRP B 346 -20.75 -11.17 -32.05
N PHE B 347 -21.90 -10.81 -31.47
CA PHE B 347 -23.06 -11.69 -31.36
C PHE B 347 -24.18 -11.10 -32.20
N GLN B 348 -24.28 -11.54 -33.46
CA GLN B 348 -25.20 -10.94 -34.44
C GLN B 348 -26.67 -11.02 -34.01
N ALA B 349 -27.11 -12.21 -33.60
CA ALA B 349 -28.50 -12.43 -33.20
C ALA B 349 -28.90 -11.57 -32.00
N TYR B 350 -27.94 -11.26 -31.13
CA TYR B 350 -28.18 -10.43 -29.95
C TYR B 350 -28.31 -8.95 -30.30
N PHE B 351 -27.60 -8.52 -31.35
CA PHE B 351 -27.73 -7.16 -31.88
C PHE B 351 -29.12 -6.96 -32.49
N VAL B 352 -29.64 -8.02 -33.11
CA VAL B 352 -30.98 -8.02 -33.71
C VAL B 352 -32.04 -7.90 -32.62
N GLN B 353 -31.83 -8.60 -31.51
CA GLN B 353 -32.74 -8.57 -30.37
C GLN B 353 -32.83 -7.18 -29.73
N LEU B 354 -31.67 -6.57 -29.50
CA LEU B 354 -31.59 -5.23 -28.89
C LEU B 354 -32.19 -4.15 -29.78
N LEU B 355 -32.00 -4.30 -31.10
CA LEU B 355 -32.52 -3.34 -32.08
C LEU B 355 -34.04 -3.42 -32.20
N THR B 356 -34.58 -4.64 -32.16
CA THR B 356 -36.03 -4.85 -32.25
C THR B 356 -36.74 -4.39 -30.98
N ASN B 357 -36.05 -4.54 -29.84
CA ASN B 357 -36.61 -4.18 -28.54
C ASN B 357 -36.18 -2.80 -28.04
N ALA B 358 -35.54 -2.03 -28.91
CA ALA B 358 -34.98 -0.72 -28.55
C ALA B 358 -36.04 0.26 -28.03
N ASN B 359 -35.69 0.94 -26.93
CA ASN B 359 -36.55 1.96 -26.33
C ASN B 359 -35.71 3.04 -25.63
N PRO B 360 -35.67 4.26 -26.17
CA PRO B 360 -36.38 4.74 -27.37
C PRO B 360 -36.01 3.97 -28.65
N SER B 361 -36.98 3.79 -29.53
CA SER B 361 -36.83 2.98 -30.73
C SER B 361 -35.90 3.60 -31.78
N PHE B 362 -35.25 2.73 -32.54
CA PHE B 362 -34.51 3.12 -33.74
C PHE B 362 -35.38 2.88 -34.97
N LEU B 363 -36.29 1.92 -34.86
CA LEU B 363 -37.23 1.59 -35.94
C LEU B 363 -38.40 2.57 -35.98
C2 BGC C . 25.61 5.16 15.66
C3 BGC C . 26.63 4.01 15.63
C4 BGC C . 26.09 2.77 14.91
C5 BGC C . 25.28 3.08 13.63
C6 BGC C . 23.85 2.53 13.75
C1 BGC C . 25.14 5.55 14.25
O2 BGC C . 26.20 6.28 16.30
O3 BGC C . 27.00 3.68 16.96
O4 BGC C . 27.25 1.97 14.59
O5 BGC C . 25.30 4.50 13.23
O6 BGC C . 23.06 2.97 12.65
C2 BGC C . 28.22 -0.20 14.16
C3 BGC C . 28.07 -1.71 14.35
C4 BGC C . 27.78 -2.09 15.80
C5 BGC C . 26.70 -1.18 16.43
C6 BGC C . 26.49 -1.48 17.92
C1 BGC C . 27.06 0.56 14.81
O2 BGC C . 28.27 0.09 12.76
O3 BGC C . 29.26 -2.37 13.92
O4 BGC C . 27.35 -3.46 15.83
O5 BGC C . 27.01 0.22 16.23
O6 BGC C . 27.61 -1.01 18.68
C2 BGC D . -20.42 -8.78 -18.54
C3 BGC D . -19.56 -8.98 -19.80
C4 BGC D . -18.16 -8.36 -19.68
C5 BGC D . -17.50 -8.61 -18.30
C6 BGC D . -17.10 -7.23 -17.73
C1 BGC D . -19.73 -9.32 -17.26
O2 BGC D . -21.69 -9.43 -18.70
O3 BGC D . -20.22 -8.39 -20.93
O4 BGC D . -17.35 -8.95 -20.74
O5 BGC D . -18.26 -9.46 -17.36
O6 BGC D . -17.56 -7.10 -16.38
C2 BGC D . -15.41 -8.83 -22.22
C3 BGC D . -14.39 -7.89 -22.86
C4 BGC D . -15.08 -6.79 -23.69
C5 BGC D . -16.23 -6.14 -22.90
C6 BGC D . -17.05 -5.25 -23.85
C1 BGC D . -16.44 -8.03 -21.39
O2 BGC D . -14.73 -9.77 -21.40
O3 BGC D . -13.53 -8.64 -23.71
O4 BGC D . -14.10 -5.80 -24.05
O5 BGC D . -17.13 -7.11 -22.29
O6 BGC D . -17.79 -6.07 -24.76
C1 NAG E . 7.21 -2.73 -2.47
C2 NAG E . 8.43 -1.84 -2.26
C3 NAG E . 9.52 -2.20 -3.28
C4 NAG E . 9.79 -3.70 -3.31
C5 NAG E . 8.48 -4.47 -3.49
C6 NAG E . 8.71 -5.98 -3.45
C7 NAG E . 8.16 0.42 -1.33
C8 NAG E . 7.76 1.83 -1.62
N2 NAG E . 8.08 -0.43 -2.36
O3 NAG E . 10.72 -1.51 -2.97
O4 NAG E . 10.69 -3.99 -4.36
O5 NAG E . 7.57 -4.11 -2.47
O6 NAG E . 7.51 -6.64 -3.80
O7 NAG E . 8.54 0.11 -0.20
C1 NAG F . 9.71 10.00 33.11
C2 NAG F . 8.85 10.44 34.30
C3 NAG F . 9.34 9.79 35.59
C4 NAG F . 9.57 8.28 35.44
C5 NAG F . 10.29 7.94 34.15
C6 NAG F . 10.29 6.43 33.90
C7 NAG F . 7.94 12.70 33.91
C8 NAG F . 8.12 14.17 34.17
N2 NAG F . 8.87 11.89 34.44
O3 NAG F . 8.40 10.02 36.62
O4 NAG F . 10.30 7.80 36.55
O5 NAG F . 9.69 8.59 33.03
O6 NAG F . 9.01 6.03 33.45
O7 NAG F . 6.97 12.31 33.25
C1 MAN G . 0.48 -17.86 21.18
C2 MAN G . -0.37 -18.26 22.38
C3 MAN G . -1.19 -19.50 22.03
C4 MAN G . -2.03 -19.25 20.77
C5 MAN G . -1.20 -18.68 19.62
C6 MAN G . -2.15 -18.14 18.53
O2 MAN G . -1.21 -17.18 22.75
O3 MAN G . -2.02 -19.85 23.11
O4 MAN G . -2.64 -20.46 20.37
O5 MAN G . -0.32 -17.63 20.02
O6 MAN G . -1.43 -17.72 17.40
C1 MAN H . 11.30 -12.69 33.29
C2 MAN H . 9.94 -12.50 33.97
C3 MAN H . 10.07 -11.73 35.29
C4 MAN H . 11.20 -12.25 36.18
C5 MAN H . 12.49 -12.50 35.38
C6 MAN H . 13.53 -13.24 36.23
O2 MAN H . 9.33 -13.74 34.19
O3 MAN H . 8.84 -11.79 35.99
O4 MAN H . 11.44 -11.30 37.19
O5 MAN H . 12.23 -13.25 34.20
O6 MAN H . 13.26 -14.62 36.24
C1 MAN I . 34.15 -12.16 25.11
C2 MAN I . 35.67 -12.30 24.95
C3 MAN I . 36.32 -10.94 24.73
C4 MAN I . 35.64 -10.18 23.59
C5 MAN I . 34.13 -10.12 23.78
C6 MAN I . 33.44 -9.58 22.53
O2 MAN I . 35.96 -13.15 23.87
O3 MAN I . 37.69 -11.10 24.45
O4 MAN I . 36.18 -8.88 23.52
O5 MAN I . 33.56 -11.40 24.06
O6 MAN I . 33.62 -10.47 21.45
C1 MAN J . 31.81 -10.68 33.26
C2 MAN J . 30.40 -10.13 33.53
C3 MAN J . 30.27 -9.54 34.93
C4 MAN J . 30.87 -10.44 36.01
C5 MAN J . 32.26 -10.95 35.60
C6 MAN J . 32.80 -11.96 36.62
O2 MAN J . 29.46 -11.17 33.34
O3 MAN J . 28.90 -9.30 35.23
O4 MAN J . 30.97 -9.69 37.20
O5 MAN J . 32.21 -11.54 34.31
O6 MAN J . 32.41 -13.27 36.29
C1 MAN K . 36.39 -11.95 28.76
C2 MAN K . 35.51 -12.81 29.66
C3 MAN K . 36.35 -13.82 30.45
C4 MAN K . 37.32 -14.59 29.56
C5 MAN K . 38.07 -13.66 28.59
C6 MAN K . 38.85 -14.46 27.55
O2 MAN K . 34.55 -13.49 28.88
O3 MAN K . 35.50 -14.72 31.14
O4 MAN K . 38.24 -15.28 30.38
O5 MAN K . 37.18 -12.78 27.92
O6 MAN K . 39.74 -13.61 26.86
C1 MAN L . 41.81 -0.85 30.47
C2 MAN L . 42.67 -1.55 29.41
C3 MAN L . 44.16 -1.24 29.57
C4 MAN L . 44.42 0.26 29.79
C5 MAN L . 43.49 0.83 30.87
C6 MAN L . 43.64 2.33 31.02
O2 MAN L . 42.23 -1.17 28.13
O3 MAN L . 44.88 -1.68 28.44
O4 MAN L . 45.77 0.44 30.16
O5 MAN L . 42.14 0.53 30.56
O6 MAN L . 42.71 2.81 31.96
C1 MAN M . 32.94 -3.83 44.55
C2 MAN M . 34.46 -3.67 44.72
C3 MAN M . 35.16 -5.02 44.73
C4 MAN M . 34.48 -6.05 45.64
C5 MAN M . 32.96 -6.04 45.44
C6 MAN M . 32.25 -6.93 46.46
O2 MAN M . 34.71 -2.98 45.92
O3 MAN M . 36.50 -4.86 45.16
O4 MAN M . 34.99 -7.32 45.34
O5 MAN M . 32.45 -4.72 45.54
O6 MAN M . 31.07 -7.44 45.88
C16 UWU N . 22.04 12.39 13.63
C15 UWU N . 21.19 13.39 14.11
C14 UWU N . 20.23 13.96 13.28
C13 UWU N . 20.12 13.51 11.96
C12 UWU N . 20.96 12.51 11.49
C11 UWU N . 21.93 11.94 12.31
C4 UWU N . 22.77 10.93 11.80
C3 UWU N . 23.42 11.18 10.60
C2 UWU N . 24.25 10.22 10.04
O2 UWU N . 24.81 10.48 8.97
O8 UWU N . 24.50 9.02 10.64
C8A UWU N . 23.87 8.77 11.84
C8 UWU N . 24.11 7.54 12.45
C4A UWU N . 23.01 9.69 12.43
C5 UWU N . 22.41 9.37 13.65
C6 UWU N . 22.65 8.14 14.26
CL UWU N . 21.87 7.79 15.76
C7 UWU N . 23.52 7.21 13.66
O7 UWU N . 23.75 6.00 14.27
C1 NAG O . -3.57 1.22 -0.49
C2 NAG O . -4.19 -0.12 -0.88
C3 NAG O . -3.13 -1.22 -1.03
C4 NAG O . -1.86 -0.74 -1.75
C5 NAG O . -1.41 0.63 -1.25
C6 NAG O . -0.23 1.16 -2.06
C7 NAG O . -6.47 -0.37 0.05
C8 NAG O . -7.27 -0.92 1.20
N2 NAG O . -5.15 -0.56 0.12
O3 NAG O . -3.68 -2.31 -1.72
O4 NAG O . -0.85 -1.69 -1.54
O5 NAG O . -2.49 1.56 -1.33
O6 NAG O . 0.01 2.51 -1.72
O7 NAG O . -7.04 0.21 -0.87
C1 NAG P . -37.31 8.60 -15.88
C2 NAG P . -38.50 9.56 -15.80
C3 NAG P . -38.87 10.07 -17.19
C4 NAG P . -37.64 10.59 -17.94
C5 NAG P . -36.48 9.59 -17.87
C6 NAG P . -35.21 10.14 -18.51
C7 NAG P . -39.97 9.10 -13.89
C8 NAG P . -41.15 8.33 -13.38
N2 NAG P . -39.62 8.89 -15.16
O3 NAG P . -39.83 11.11 -17.07
O4 NAG P . -37.98 10.83 -19.29
O5 NAG P . -36.22 9.24 -16.52
O6 NAG P . -34.71 11.24 -17.77
O7 NAG P . -39.38 9.89 -13.13
C1 MAN Q . -20.75 18.54 -28.31
C2 MAN Q . -21.23 19.81 -27.62
C3 MAN Q . -22.75 19.97 -27.74
C4 MAN Q . -23.24 19.77 -29.17
C5 MAN Q . -22.68 18.47 -29.75
C6 MAN Q . -23.09 18.24 -31.20
O2 MAN Q . -20.58 20.93 -28.18
O3 MAN Q . -23.16 21.25 -27.28
O4 MAN Q . -24.66 19.74 -29.18
O5 MAN Q . -21.25 18.47 -29.64
O6 MAN Q . -22.37 19.13 -32.05
C1 MAN R . -20.60 2.07 -40.46
C2 MAN R . -21.23 3.10 -39.51
C3 MAN R . -22.60 3.57 -40.02
C4 MAN R . -22.58 3.93 -41.51
C5 MAN R . -21.86 2.86 -42.34
C6 MAN R . -21.68 3.27 -43.80
O2 MAN R . -20.36 4.21 -39.35
O3 MAN R . -23.04 4.69 -39.28
O4 MAN R . -23.91 4.06 -41.96
O5 MAN R . -20.58 2.58 -41.79
O6 MAN R . -21.77 2.13 -44.62
C1 MAN S . -16.20 -2.86 -41.36
C2 MAN S . -16.23 -1.37 -41.72
C3 MAN S . -15.66 -1.12 -43.11
C4 MAN S . -14.30 -1.82 -43.31
C5 MAN S . -14.38 -3.28 -42.86
C6 MAN S . -13.02 -3.96 -42.93
O2 MAN S . -15.51 -0.63 -40.76
O3 MAN S . -15.51 0.28 -43.32
O4 MAN S . -13.93 -1.74 -44.67
O5 MAN S . -14.89 -3.38 -41.54
O6 MAN S . -13.17 -5.26 -43.44
C1 MAN T . -24.67 -11.55 -40.72
C2 MAN T . -23.30 -12.18 -40.96
C3 MAN T . -23.39 -13.37 -41.91
C4 MAN T . -24.53 -14.34 -41.55
C5 MAN T . -25.82 -13.61 -41.16
C6 MAN T . -26.83 -14.57 -40.54
O2 MAN T . -22.74 -12.58 -39.73
O3 MAN T . -22.17 -14.07 -41.94
O4 MAN T . -24.77 -15.18 -42.65
O5 MAN T . -25.58 -12.54 -40.26
O6 MAN T . -27.97 -13.86 -40.12
C1 MAN U . -33.58 2.06 -44.68
C2 MAN U . -33.38 1.12 -45.88
C3 MAN U . -32.21 1.58 -46.75
C4 MAN U . -32.22 3.08 -47.05
C5 MAN U . -32.64 3.91 -45.83
C6 MAN U . -32.90 5.37 -46.17
O2 MAN U . -34.58 1.08 -46.63
O3 MAN U . -32.20 0.85 -47.96
O4 MAN U . -30.91 3.46 -47.44
O5 MAN U . -33.79 3.36 -45.20
O6 MAN U . -32.81 6.14 -44.99
C16 UWU V . -24.30 -10.50 -11.51
C15 UWU V . -25.42 -10.17 -10.76
C14 UWU V . -25.38 -10.24 -9.37
C13 UWU V . -24.21 -10.65 -8.72
C12 UWU V . -23.08 -10.97 -9.48
C11 UWU V . -23.11 -10.89 -10.88
C4 UWU V . -21.96 -11.24 -11.61
C3 UWU V . -21.23 -12.34 -11.20
C2 UWU V . -20.08 -12.74 -11.88
O2 UWU V . -19.46 -13.72 -11.48
O8 UWU V . -19.63 -12.06 -12.99
C8A UWU V . -20.35 -10.98 -13.40
C8 UWU V . -19.88 -10.28 -14.52
C4A UWU V . -21.50 -10.54 -12.74
C5 UWU V . -22.17 -9.42 -13.23
C6 UWU V . -21.70 -8.73 -14.34
CL UWU V . -22.60 -7.34 -14.88
C7 UWU V . -20.56 -9.16 -15.00
O7 UWU V . -20.09 -8.49 -16.11
#